data_1HQF
#
_entry.id   1HQF
#
_cell.length_a   88.000
_cell.length_b   88.000
_cell.length_c   112.000
_cell.angle_alpha   90.00
_cell.angle_beta   90.00
_cell.angle_gamma   120.00
#
_symmetry.space_group_name_H-M   'P 32'
#
loop_
_entity.id
_entity.type
_entity.pdbx_description
1 polymer 'ARGINASE 1'
2 non-polymer 'MANGANESE (II) ION'
3 non-polymer N-OMEGA-HYDROXY-L-ARGININE
4 water water
#
_entity_poly.entity_id   1
_entity_poly.type   'polypeptide(L)'
_entity_poly.pdbx_seq_one_letter_code
;MSSKPKPIEIIGAPFSKGQPRGGVEKGPAALRKAGLVEKLKETEYNVRDHGDLAFVDVPNDSPFQIVKNPRSVGKANEQL
AAVVAETQKNGTISVVLGGDHSMAIGSISGHARVHPDLCVIWVDAHTDINTPLTTSSGNLHGQPVAFLLKELKGKFPDVP
GFSWVTPCISAKDIVYIGLRDVDPGEHYIIKTLGIKYFSMTEVDKLGIGKVMEETFSYLLGRKKRPIHLSFDVDGLDPVF
TPATGTPVVGGLSYREGLYITEEIYKTGLLSGLDIMEVNPTLGKTPEEVTRTVNTAVALTLSCFGTKREGNHKPETDYLK
PPK
;
_entity_poly.pdbx_strand_id   A,B,C
#
loop_
_chem_comp.id
_chem_comp.type
_chem_comp.name
_chem_comp.formula
MN non-polymer 'MANGANESE (II) ION' 'Mn 2'
#
# COMPACT_ATOMS: atom_id res chain seq x y z
N LYS A 6 7.43 -1.55 -34.27
CA LYS A 6 6.81 -2.90 -34.09
C LYS A 6 5.28 -2.88 -34.32
N PRO A 7 4.69 -4.07 -34.57
CA PRO A 7 3.25 -4.16 -34.81
C PRO A 7 2.49 -4.85 -33.69
N ILE A 8 1.24 -4.44 -33.51
CA ILE A 8 0.38 -5.00 -32.48
C ILE A 8 -0.93 -5.46 -33.08
N GLU A 9 -1.34 -6.68 -32.80
CA GLU A 9 -2.65 -7.12 -33.28
C GLU A 9 -3.42 -7.56 -32.05
N ILE A 10 -4.64 -7.05 -31.91
CA ILE A 10 -5.48 -7.37 -30.77
C ILE A 10 -6.52 -8.43 -31.13
N ILE A 11 -6.63 -9.45 -30.28
CA ILE A 11 -7.59 -10.53 -30.48
C ILE A 11 -8.56 -10.51 -29.31
N GLY A 12 -9.85 -10.59 -29.63
CA GLY A 12 -10.85 -10.60 -28.58
C GLY A 12 -11.28 -12.03 -28.37
N ALA A 13 -11.25 -12.50 -27.14
CA ALA A 13 -11.64 -13.88 -26.82
C ALA A 13 -12.92 -13.93 -25.98
N PRO A 14 -13.95 -13.16 -26.37
CA PRO A 14 -15.21 -13.17 -25.61
C PRO A 14 -15.70 -14.57 -25.30
N PHE A 15 -15.21 -15.15 -24.20
CA PHE A 15 -15.57 -16.50 -23.81
C PHE A 15 -15.85 -16.54 -22.30
N SER A 16 -16.42 -17.65 -21.81
CA SER A 16 -16.70 -17.71 -20.38
C SER A 16 -17.01 -19.10 -19.82
N LYS A 17 -17.11 -20.10 -20.68
CA LYS A 17 -17.42 -21.45 -20.21
C LYS A 17 -16.34 -22.04 -19.30
N GLY A 18 -15.18 -21.39 -19.27
CA GLY A 18 -14.12 -21.89 -18.42
C GLY A 18 -14.57 -21.84 -16.97
N GLN A 19 -15.63 -21.08 -16.69
CA GLN A 19 -16.19 -20.92 -15.35
C GLN A 19 -17.67 -20.51 -15.37
N PRO A 20 -18.35 -20.60 -14.22
CA PRO A 20 -19.78 -20.28 -14.02
C PRO A 20 -20.28 -18.83 -14.19
N ARG A 21 -19.71 -17.91 -13.43
CA ARG A 21 -20.11 -16.49 -13.49
C ARG A 21 -20.07 -15.92 -14.92
N GLY A 22 -21.20 -15.40 -15.38
CA GLY A 22 -21.27 -14.86 -16.72
C GLY A 22 -20.96 -13.38 -16.87
N GLY A 23 -20.34 -13.02 -17.99
CA GLY A 23 -20.00 -11.64 -18.24
C GLY A 23 -18.61 -11.51 -18.83
N VAL A 24 -17.70 -12.36 -18.36
CA VAL A 24 -16.31 -12.34 -18.83
C VAL A 24 -16.11 -12.23 -20.34
N GLU A 25 -17.10 -12.67 -21.13
CA GLU A 25 -16.98 -12.58 -22.58
C GLU A 25 -17.21 -11.14 -22.99
N LYS A 26 -17.86 -10.38 -22.09
CA LYS A 26 -18.11 -8.98 -22.35
C LYS A 26 -16.79 -8.24 -22.11
N GLY A 27 -15.78 -9.00 -21.69
CA GLY A 27 -14.47 -8.44 -21.42
C GLY A 27 -13.94 -7.55 -22.53
N PRO A 28 -13.59 -8.12 -23.69
CA PRO A 28 -13.08 -7.32 -24.81
C PRO A 28 -14.06 -6.24 -25.26
N ALA A 29 -15.32 -6.45 -24.93
CA ALA A 29 -16.37 -5.50 -25.28
C ALA A 29 -16.24 -4.21 -24.48
N ALA A 30 -15.84 -4.33 -23.22
CA ALA A 30 -15.67 -3.16 -22.36
C ALA A 30 -14.31 -2.53 -22.59
N LEU A 31 -13.31 -3.38 -22.78
CA LEU A 31 -11.95 -2.90 -23.00
C LEU A 31 -11.84 -2.02 -24.24
N ARG A 32 -12.47 -2.42 -25.33
CA ARG A 32 -12.39 -1.60 -26.54
C ARG A 32 -13.14 -0.30 -26.27
N LYS A 33 -14.28 -0.43 -25.59
CA LYS A 33 -15.13 0.70 -25.24
C LYS A 33 -14.35 1.68 -24.35
N ALA A 34 -13.36 1.18 -23.62
CA ALA A 34 -12.55 2.04 -22.77
C ALA A 34 -11.48 2.67 -23.67
N GLY A 35 -11.65 2.47 -24.98
CA GLY A 35 -10.75 3.01 -25.96
C GLY A 35 -9.38 2.38 -26.03
N LEU A 36 -9.28 1.12 -25.59
CA LEU A 36 -7.98 0.46 -25.60
C LEU A 36 -7.27 0.52 -26.95
N VAL A 37 -8.01 0.34 -28.03
CA VAL A 37 -7.39 0.37 -29.35
C VAL A 37 -6.64 1.68 -29.65
N GLU A 38 -7.37 2.79 -29.68
CA GLU A 38 -6.80 4.10 -29.97
C GLU A 38 -5.58 4.46 -29.12
N LYS A 39 -5.74 4.39 -27.80
CA LYS A 39 -4.64 4.73 -26.90
C LYS A 39 -3.42 3.94 -27.33
N LEU A 40 -3.62 2.67 -27.65
CA LEU A 40 -2.51 1.83 -28.07
C LEU A 40 -1.84 2.45 -29.30
N LYS A 41 -2.66 2.95 -30.23
CA LYS A 41 -2.14 3.57 -31.44
C LYS A 41 -1.22 4.74 -31.09
N GLU A 42 -1.53 5.41 -30.00
CA GLU A 42 -0.75 6.54 -29.54
C GLU A 42 0.71 6.22 -29.24
N THR A 43 1.08 4.95 -29.31
CA THR A 43 2.45 4.56 -29.03
C THR A 43 3.27 4.49 -30.31
N GLU A 44 4.45 3.88 -30.19
CA GLU A 44 5.37 3.70 -31.31
C GLU A 44 5.04 2.38 -32.05
N TYR A 45 3.97 1.73 -31.62
CA TYR A 45 3.53 0.47 -32.20
C TYR A 45 2.33 0.67 -33.13
N ASN A 46 2.28 -0.11 -34.21
CA ASN A 46 1.17 -0.06 -35.15
C ASN A 46 0.19 -1.07 -34.61
N VAL A 47 -1.08 -0.70 -34.56
CA VAL A 47 -2.06 -1.62 -33.99
C VAL A 47 -3.15 -2.04 -34.97
N ARG A 48 -3.42 -3.34 -35.00
CA ARG A 48 -4.46 -3.88 -35.85
C ARG A 48 -5.41 -4.65 -34.95
N ASP A 49 -6.68 -4.27 -34.98
CA ASP A 49 -7.71 -4.93 -34.17
C ASP A 49 -8.26 -6.04 -35.07
N HIS A 50 -8.17 -7.27 -34.58
CA HIS A 50 -8.63 -8.47 -35.29
C HIS A 50 -10.12 -8.75 -35.04
N GLY A 51 -10.70 -8.08 -34.06
CA GLY A 51 -12.10 -8.31 -33.76
C GLY A 51 -12.27 -9.43 -32.75
N ASP A 52 -13.50 -9.90 -32.59
CA ASP A 52 -13.78 -10.97 -31.63
C ASP A 52 -14.06 -12.33 -32.22
N LEU A 53 -13.11 -13.24 -32.02
CA LEU A 53 -13.28 -14.60 -32.51
C LEU A 53 -14.64 -15.12 -32.03
N ALA A 54 -15.63 -15.17 -32.92
CA ALA A 54 -16.94 -15.69 -32.56
C ALA A 54 -16.73 -17.18 -32.31
N PHE A 55 -17.29 -17.69 -31.22
CA PHE A 55 -17.10 -19.09 -30.92
C PHE A 55 -18.35 -19.94 -31.04
N VAL A 56 -18.30 -20.86 -32.00
CA VAL A 56 -19.39 -21.78 -32.28
C VAL A 56 -19.62 -22.64 -31.05
N ASP A 57 -20.87 -22.77 -30.61
CA ASP A 57 -21.14 -23.54 -29.41
C ASP A 57 -21.33 -25.04 -29.63
N VAL A 58 -20.63 -25.83 -28.83
CA VAL A 58 -20.68 -27.29 -28.89
C VAL A 58 -21.96 -27.86 -28.27
N PRO A 59 -22.94 -28.20 -29.13
CA PRO A 59 -24.21 -28.76 -28.65
C PRO A 59 -23.97 -30.00 -27.81
N ASN A 60 -24.70 -30.10 -26.71
CA ASN A 60 -24.56 -31.23 -25.80
C ASN A 60 -23.10 -31.47 -25.46
N ASP A 61 -22.56 -30.62 -24.59
CA ASP A 61 -21.19 -30.74 -24.12
C ASP A 61 -21.30 -31.46 -22.77
N SER A 62 -20.70 -32.64 -22.68
CA SER A 62 -20.78 -33.44 -21.45
C SER A 62 -19.67 -33.21 -20.43
N PRO A 63 -20.02 -33.19 -19.13
CA PRO A 63 -19.09 -32.98 -18.01
C PRO A 63 -18.11 -34.11 -17.72
N PHE A 64 -17.01 -34.16 -18.48
CA PHE A 64 -15.94 -35.15 -18.32
C PHE A 64 -15.63 -35.42 -16.84
N GLN A 65 -16.41 -36.29 -16.20
CA GLN A 65 -16.26 -36.62 -14.78
C GLN A 65 -16.74 -35.45 -13.91
N ILE A 66 -15.85 -34.50 -13.67
CA ILE A 66 -16.13 -33.29 -12.87
C ILE A 66 -16.03 -32.07 -13.80
N VAL A 67 -15.02 -32.10 -14.68
CA VAL A 67 -14.77 -31.02 -15.64
C VAL A 67 -15.99 -30.72 -16.50
N LYS A 68 -16.36 -29.45 -16.57
CA LYS A 68 -17.54 -29.05 -17.33
C LYS A 68 -17.19 -28.39 -18.64
N ASN A 69 -18.22 -28.17 -19.45
CA ASN A 69 -18.09 -27.53 -20.77
C ASN A 69 -16.74 -27.78 -21.45
N PRO A 70 -16.24 -29.03 -21.44
CA PRO A 70 -14.95 -29.40 -22.04
C PRO A 70 -14.79 -29.13 -23.52
N ARG A 71 -15.63 -29.76 -24.33
CA ARG A 71 -15.56 -29.59 -25.78
C ARG A 71 -15.58 -28.10 -26.15
N SER A 72 -16.39 -27.33 -25.43
CA SER A 72 -16.49 -25.90 -25.66
C SER A 72 -15.08 -25.29 -25.58
N VAL A 73 -14.51 -25.36 -24.38
CA VAL A 73 -13.17 -24.83 -24.09
C VAL A 73 -12.07 -25.45 -24.93
N GLY A 74 -12.33 -26.62 -25.49
CA GLY A 74 -11.33 -27.28 -26.30
C GLY A 74 -11.32 -26.70 -27.71
N LYS A 75 -12.51 -26.44 -28.25
CA LYS A 75 -12.60 -25.90 -29.59
C LYS A 75 -12.42 -24.38 -29.62
N ALA A 76 -12.84 -23.71 -28.56
CA ALA A 76 -12.70 -22.27 -28.47
C ALA A 76 -11.23 -21.91 -28.37
N ASN A 77 -10.49 -22.71 -27.60
CA ASN A 77 -9.06 -22.53 -27.39
C ASN A 77 -8.26 -23.02 -28.59
N GLU A 78 -8.87 -23.91 -29.38
CA GLU A 78 -8.21 -24.43 -30.58
C GLU A 78 -8.25 -23.33 -31.64
N GLN A 79 -9.40 -22.69 -31.75
CA GLN A 79 -9.57 -21.61 -32.71
C GLN A 79 -8.63 -20.45 -32.42
N LEU A 80 -8.41 -20.19 -31.13
CA LEU A 80 -7.54 -19.09 -30.70
C LEU A 80 -6.07 -19.33 -30.95
N ALA A 81 -5.51 -20.40 -30.38
CA ALA A 81 -4.10 -20.71 -30.55
C ALA A 81 -3.74 -20.45 -32.01
N ALA A 82 -4.60 -20.96 -32.91
CA ALA A 82 -4.44 -20.79 -34.35
C ALA A 82 -4.17 -19.34 -34.73
N VAL A 83 -5.13 -18.45 -34.46
CA VAL A 83 -4.96 -17.05 -34.80
C VAL A 83 -3.67 -16.49 -34.22
N VAL A 84 -3.36 -16.87 -32.98
CA VAL A 84 -2.15 -16.41 -32.30
C VAL A 84 -0.87 -16.79 -33.06
N ALA A 85 -0.74 -18.06 -33.40
CA ALA A 85 0.43 -18.53 -34.14
C ALA A 85 0.41 -17.80 -35.47
N GLU A 86 -0.80 -17.52 -35.94
CA GLU A 86 -1.04 -16.85 -37.21
C GLU A 86 -0.41 -15.46 -37.29
N THR A 87 -0.56 -14.72 -36.20
CA THR A 87 -0.02 -13.38 -36.10
C THR A 87 1.44 -13.52 -35.78
N GLN A 88 1.73 -14.26 -34.72
CA GLN A 88 3.11 -14.50 -34.28
C GLN A 88 4.10 -14.71 -35.43
N LYS A 89 3.63 -15.39 -36.48
CA LYS A 89 4.46 -15.68 -37.65
C LYS A 89 4.72 -14.41 -38.48
N ASN A 90 3.71 -13.55 -38.56
CA ASN A 90 3.82 -12.28 -39.28
C ASN A 90 4.79 -11.36 -38.55
N GLY A 91 5.09 -11.73 -37.31
CA GLY A 91 6.02 -10.96 -36.50
C GLY A 91 5.39 -9.98 -35.52
N THR A 92 4.07 -9.80 -35.56
CA THR A 92 3.41 -8.86 -34.66
C THR A 92 3.20 -9.43 -33.27
N ILE A 93 3.03 -8.53 -32.28
CA ILE A 93 2.79 -8.92 -30.89
C ILE A 93 1.31 -9.18 -30.66
N SER A 94 1.01 -10.36 -30.13
CA SER A 94 -0.37 -10.76 -29.86
C SER A 94 -0.83 -10.28 -28.49
N VAL A 95 -2.01 -9.65 -28.46
CA VAL A 95 -2.58 -9.14 -27.20
C VAL A 95 -4.03 -9.62 -27.09
N VAL A 96 -4.22 -10.67 -26.31
CA VAL A 96 -5.51 -11.30 -26.12
C VAL A 96 -6.42 -10.73 -25.03
N LEU A 97 -7.37 -9.90 -25.44
CA LEU A 97 -8.35 -9.35 -24.51
C LEU A 97 -9.16 -10.60 -24.24
N GLY A 98 -9.58 -10.85 -23.00
CA GLY A 98 -10.31 -12.06 -22.78
C GLY A 98 -11.54 -12.17 -21.91
N GLY A 99 -11.92 -13.42 -21.75
CA GLY A 99 -13.06 -13.82 -20.95
C GLY A 99 -12.28 -14.60 -19.92
N ASP A 100 -12.81 -15.70 -19.42
CA ASP A 100 -12.07 -16.47 -18.41
C ASP A 100 -10.64 -16.81 -18.84
N HIS A 101 -9.79 -17.06 -17.86
CA HIS A 101 -8.37 -17.33 -18.06
C HIS A 101 -8.04 -18.67 -18.71
N SER A 102 -9.05 -19.40 -19.17
CA SER A 102 -8.78 -20.69 -19.81
C SER A 102 -8.45 -20.49 -21.28
N MET A 103 -8.48 -19.25 -21.73
CA MET A 103 -8.14 -18.94 -23.11
C MET A 103 -6.64 -18.80 -23.14
N ALA A 104 -6.00 -19.11 -22.02
CA ALA A 104 -4.55 -19.03 -21.90
C ALA A 104 -3.92 -20.18 -22.70
N ILE A 105 -4.52 -21.37 -22.61
CA ILE A 105 -4.01 -22.51 -23.37
C ILE A 105 -3.97 -22.06 -24.84
N GLY A 106 -5.12 -21.67 -25.37
CA GLY A 106 -5.17 -21.19 -26.74
C GLY A 106 -4.03 -20.24 -27.01
N SER A 107 -4.09 -19.05 -26.42
CA SER A 107 -3.06 -18.03 -26.61
C SER A 107 -1.64 -18.60 -26.52
N ILE A 108 -1.30 -19.15 -25.36
CA ILE A 108 0.02 -19.70 -25.12
C ILE A 108 0.43 -20.72 -26.19
N SER A 109 -0.44 -21.68 -26.47
CA SER A 109 -0.15 -22.69 -27.49
C SER A 109 0.19 -22.00 -28.81
N GLY A 110 -0.78 -21.25 -29.33
CA GLY A 110 -0.58 -20.54 -30.56
C GLY A 110 0.78 -19.85 -30.57
N HIS A 111 1.14 -19.25 -29.46
CA HIS A 111 2.41 -18.54 -29.36
C HIS A 111 3.64 -19.47 -29.51
N ALA A 112 3.64 -20.58 -28.78
CA ALA A 112 4.73 -21.58 -28.78
C ALA A 112 5.01 -22.17 -30.16
N ARG A 113 4.00 -22.13 -31.03
CA ARG A 113 4.15 -22.66 -32.38
C ARG A 113 5.21 -21.87 -33.14
N VAL A 114 5.19 -20.56 -33.00
CA VAL A 114 6.15 -19.71 -33.69
C VAL A 114 7.43 -19.47 -32.88
N HIS A 115 7.29 -19.48 -31.55
CA HIS A 115 8.42 -19.28 -30.65
C HIS A 115 8.35 -20.29 -29.50
N PRO A 116 8.80 -21.53 -29.74
CA PRO A 116 8.80 -22.62 -28.78
C PRO A 116 9.84 -22.47 -27.68
N ASP A 117 10.56 -21.37 -27.70
CA ASP A 117 11.59 -21.11 -26.69
C ASP A 117 11.14 -20.09 -25.65
N LEU A 118 9.89 -19.64 -25.77
CA LEU A 118 9.33 -18.64 -24.86
C LEU A 118 9.24 -19.06 -23.40
N CYS A 119 9.14 -18.07 -22.53
CA CYS A 119 8.98 -18.29 -21.10
C CYS A 119 7.59 -17.74 -20.85
N VAL A 120 7.18 -17.71 -19.59
CA VAL A 120 5.85 -17.22 -19.28
C VAL A 120 5.77 -16.59 -17.90
N ILE A 121 5.31 -15.35 -17.85
CA ILE A 121 5.13 -14.66 -16.57
C ILE A 121 3.63 -14.71 -16.30
N TRP A 122 3.25 -15.35 -15.21
CA TRP A 122 1.84 -15.51 -14.87
C TRP A 122 1.39 -14.72 -13.65
N VAL A 123 0.84 -13.53 -13.89
CA VAL A 123 0.33 -12.67 -12.82
C VAL A 123 -1.17 -13.01 -12.65
N ASP A 124 -1.44 -13.75 -11.57
CA ASP A 124 -2.79 -14.22 -11.25
C ASP A 124 -2.74 -14.39 -9.74
N ALA A 125 -3.89 -14.38 -9.09
CA ALA A 125 -3.94 -14.59 -7.64
C ALA A 125 -3.74 -16.10 -7.45
N HIS A 126 -4.25 -16.84 -8.43
CA HIS A 126 -4.21 -18.29 -8.45
C HIS A 126 -3.18 -18.87 -9.41
N THR A 127 -2.74 -20.08 -9.09
CA THR A 127 -1.79 -20.83 -9.91
C THR A 127 -2.58 -21.37 -11.11
N ASP A 128 -3.80 -21.82 -10.83
CA ASP A 128 -4.69 -22.36 -11.86
C ASP A 128 -4.04 -23.60 -12.49
N ILE A 129 -3.13 -24.22 -11.73
CA ILE A 129 -2.36 -25.40 -12.15
C ILE A 129 -2.99 -26.74 -11.73
N ASN A 130 -4.31 -26.72 -11.49
CA ASN A 130 -5.04 -27.92 -11.11
C ASN A 130 -5.38 -28.75 -12.34
N THR A 131 -5.54 -30.05 -12.12
CA THR A 131 -5.87 -30.98 -13.18
C THR A 131 -7.29 -31.49 -12.99
N PRO A 132 -7.83 -32.16 -14.00
CA PRO A 132 -9.19 -32.73 -13.98
C PRO A 132 -9.38 -33.63 -12.77
N LEU A 133 -8.24 -34.05 -12.22
CA LEU A 133 -8.15 -34.93 -11.06
C LEU A 133 -8.26 -34.13 -9.77
N THR A 134 -7.49 -33.05 -9.72
CA THR A 134 -7.43 -32.16 -8.56
C THR A 134 -8.65 -31.26 -8.38
N THR A 135 -8.88 -30.37 -9.33
CA THR A 135 -10.00 -29.43 -9.29
C THR A 135 -11.23 -29.92 -8.56
N SER A 136 -11.79 -29.06 -7.71
CA SER A 136 -13.00 -29.36 -6.97
C SER A 136 -14.07 -28.65 -7.79
N SER A 137 -13.81 -28.57 -9.09
CA SER A 137 -14.71 -27.93 -10.02
C SER A 137 -14.20 -28.20 -11.42
N GLY A 138 -15.12 -28.32 -12.38
CA GLY A 138 -14.72 -28.61 -13.75
C GLY A 138 -14.41 -27.34 -14.51
N ASN A 139 -14.21 -26.27 -13.75
CA ASN A 139 -13.90 -24.96 -14.28
C ASN A 139 -12.47 -24.95 -14.82
N LEU A 140 -12.33 -25.28 -16.09
CA LEU A 140 -11.02 -25.32 -16.72
C LEU A 140 -10.23 -24.02 -16.66
N HIS A 141 -10.84 -22.94 -16.18
CA HIS A 141 -10.11 -21.67 -16.08
C HIS A 141 -9.13 -21.78 -14.94
N GLY A 142 -9.15 -22.94 -14.27
CA GLY A 142 -8.26 -23.19 -13.15
C GLY A 142 -7.36 -24.39 -13.42
N GLN A 143 -7.06 -24.62 -14.69
CA GLN A 143 -6.22 -25.72 -15.15
C GLN A 143 -5.26 -25.38 -16.31
N PRO A 144 -5.50 -24.26 -17.03
CA PRO A 144 -4.66 -23.84 -18.16
C PRO A 144 -3.20 -24.24 -18.19
N VAL A 145 -2.53 -24.21 -17.06
CA VAL A 145 -1.11 -24.57 -17.05
C VAL A 145 -0.92 -26.08 -17.15
N ALA A 146 -1.85 -26.82 -16.56
CA ALA A 146 -1.82 -28.28 -16.57
C ALA A 146 -1.93 -28.85 -18.00
N PHE A 147 -2.40 -28.04 -18.93
CA PHE A 147 -2.54 -28.47 -20.32
C PHE A 147 -1.31 -28.07 -21.11
N LEU A 148 -0.68 -26.99 -20.69
CA LEU A 148 0.49 -26.47 -21.37
C LEU A 148 1.77 -27.11 -20.86
N LEU A 149 1.72 -27.62 -19.64
CA LEU A 149 2.89 -28.25 -19.05
C LEU A 149 3.13 -29.65 -19.59
N LYS A 150 4.42 -29.95 -19.79
CA LYS A 150 4.84 -31.25 -20.28
C LYS A 150 4.92 -32.20 -19.08
N GLU A 151 5.53 -31.73 -18.00
CA GLU A 151 5.68 -32.52 -16.77
C GLU A 151 4.33 -32.96 -16.22
N LEU A 152 3.27 -32.57 -16.90
CA LEU A 152 1.93 -32.91 -16.45
C LEU A 152 1.19 -33.74 -17.49
N LYS A 153 1.82 -33.91 -18.65
CA LYS A 153 1.22 -34.69 -19.73
C LYS A 153 1.05 -36.13 -19.26
N GLY A 154 -0.06 -36.75 -19.68
CA GLY A 154 -0.32 -38.11 -19.28
C GLY A 154 -0.38 -38.26 -17.79
N LYS A 155 -0.64 -37.16 -17.09
CA LYS A 155 -0.74 -37.18 -15.64
C LYS A 155 -2.23 -37.09 -15.28
N PHE A 156 -3.05 -37.14 -16.32
CA PHE A 156 -4.51 -37.08 -16.20
C PHE A 156 -5.20 -37.53 -17.49
N PRO A 157 -6.44 -38.06 -17.39
CA PRO A 157 -7.21 -38.53 -18.54
C PRO A 157 -7.44 -37.49 -19.62
N ASP A 158 -6.91 -37.77 -20.82
CA ASP A 158 -7.05 -36.87 -21.95
C ASP A 158 -8.46 -36.28 -21.92
N VAL A 159 -8.55 -34.97 -22.11
CA VAL A 159 -9.84 -34.31 -22.05
C VAL A 159 -10.51 -34.05 -23.41
N PRO A 160 -11.83 -34.29 -23.47
CA PRO A 160 -12.70 -34.12 -24.63
C PRO A 160 -12.72 -32.72 -25.24
N GLY A 161 -11.84 -32.49 -26.20
CA GLY A 161 -11.78 -31.21 -26.86
C GLY A 161 -10.41 -30.57 -26.89
N PHE A 162 -9.49 -31.11 -26.09
CA PHE A 162 -8.15 -30.56 -26.02
C PHE A 162 -7.09 -31.47 -26.64
N SER A 163 -7.54 -32.34 -27.53
CA SER A 163 -6.65 -33.27 -28.21
C SER A 163 -5.51 -32.48 -28.86
N TRP A 164 -5.88 -31.54 -29.72
CA TRP A 164 -4.95 -30.66 -30.45
C TRP A 164 -3.92 -29.95 -29.57
N VAL A 165 -4.18 -29.95 -28.26
CA VAL A 165 -3.29 -29.32 -27.30
C VAL A 165 -2.02 -30.14 -27.12
N THR A 166 -0.89 -29.44 -27.13
CA THR A 166 0.41 -30.08 -26.98
C THR A 166 1.21 -29.43 -25.85
N PRO A 167 1.42 -30.17 -24.75
CA PRO A 167 2.19 -29.63 -23.61
C PRO A 167 3.43 -28.96 -24.18
N CYS A 168 3.47 -27.63 -24.14
CA CYS A 168 4.58 -26.87 -24.72
C CYS A 168 5.72 -26.32 -23.86
N ILE A 169 5.54 -26.20 -22.55
CA ILE A 169 6.64 -25.70 -21.72
C ILE A 169 6.78 -26.42 -20.40
N SER A 170 8.02 -26.50 -19.92
CA SER A 170 8.31 -27.15 -18.66
C SER A 170 8.23 -26.11 -17.54
N ALA A 171 8.34 -26.55 -16.29
CA ALA A 171 8.27 -25.65 -15.14
C ALA A 171 9.48 -24.73 -15.04
N LYS A 172 10.45 -24.95 -15.92
CA LYS A 172 11.66 -24.16 -15.93
C LYS A 172 11.53 -22.88 -16.76
N ASP A 173 10.38 -22.73 -17.41
CA ASP A 173 10.15 -21.56 -18.24
C ASP A 173 8.95 -20.71 -17.79
N ILE A 174 8.19 -21.22 -16.82
CA ILE A 174 7.03 -20.52 -16.27
C ILE A 174 7.34 -19.81 -14.95
N VAL A 175 6.76 -18.63 -14.76
CA VAL A 175 6.95 -17.87 -13.52
C VAL A 175 5.64 -17.19 -13.08
N TYR A 176 5.22 -17.51 -11.85
CA TYR A 176 3.99 -16.99 -11.26
C TYR A 176 4.27 -15.79 -10.37
N ILE A 177 3.45 -14.75 -10.48
CA ILE A 177 3.61 -13.57 -9.63
C ILE A 177 2.21 -13.16 -9.14
N GLY A 178 2.07 -13.02 -7.81
CA GLY A 178 0.82 -12.61 -7.23
C GLY A 178 -0.03 -13.70 -6.58
N LEU A 179 0.52 -14.91 -6.49
CA LEU A 179 -0.20 -16.04 -5.89
C LEU A 179 -0.58 -15.78 -4.42
N ARG A 180 -1.83 -16.00 -4.10
CA ARG A 180 -2.30 -15.78 -2.75
C ARG A 180 -3.51 -16.65 -2.43
N ASP A 181 -3.98 -17.43 -3.40
CA ASP A 181 -5.09 -18.33 -3.17
C ASP A 181 -4.87 -19.65 -3.92
N VAL A 182 -3.96 -20.47 -3.38
CA VAL A 182 -3.62 -21.72 -4.02
C VAL A 182 -4.16 -22.98 -3.34
N ASP A 183 -4.81 -23.82 -4.14
CA ASP A 183 -5.40 -25.08 -3.69
C ASP A 183 -4.34 -26.13 -3.32
N PRO A 184 -4.70 -27.05 -2.41
CA PRO A 184 -3.80 -28.11 -1.96
C PRO A 184 -3.07 -28.72 -3.16
N GLY A 185 -3.83 -29.50 -3.95
CA GLY A 185 -3.29 -30.14 -5.13
C GLY A 185 -2.31 -29.27 -5.87
N GLU A 186 -2.72 -28.02 -6.11
CA GLU A 186 -1.85 -27.09 -6.81
C GLU A 186 -0.53 -26.87 -6.09
N HIS A 187 -0.56 -26.72 -4.76
CA HIS A 187 0.67 -26.50 -4.00
C HIS A 187 1.60 -27.69 -4.22
N TYR A 188 1.02 -28.87 -4.15
CA TYR A 188 1.75 -30.12 -4.36
C TYR A 188 2.51 -29.98 -5.67
N ILE A 189 1.75 -29.87 -6.76
CA ILE A 189 2.27 -29.73 -8.10
C ILE A 189 3.40 -28.73 -8.25
N ILE A 190 3.20 -27.47 -7.84
CA ILE A 190 4.25 -26.46 -7.97
C ILE A 190 5.53 -26.78 -7.21
N LYS A 191 5.39 -27.40 -6.03
CA LYS A 191 6.56 -27.75 -5.22
C LYS A 191 7.27 -28.91 -5.90
N THR A 192 6.51 -29.97 -6.14
CA THR A 192 6.99 -31.19 -6.77
C THR A 192 7.70 -30.91 -8.08
N LEU A 193 6.98 -30.32 -9.02
CA LEU A 193 7.54 -30.00 -10.32
C LEU A 193 8.48 -28.83 -10.28
N GLY A 194 8.81 -28.38 -9.07
CA GLY A 194 9.72 -27.26 -8.95
C GLY A 194 9.41 -26.12 -9.91
N ILE A 195 8.41 -25.32 -9.56
CA ILE A 195 7.98 -24.18 -10.38
C ILE A 195 8.36 -22.89 -9.67
N LYS A 196 9.16 -22.05 -10.33
CA LYS A 196 9.57 -20.77 -9.73
C LYS A 196 8.35 -19.84 -9.63
N TYR A 197 8.10 -19.34 -8.42
CA TYR A 197 6.96 -18.47 -8.15
C TYR A 197 7.32 -17.38 -7.14
N PHE A 198 6.36 -16.49 -6.90
CA PHE A 198 6.54 -15.41 -5.94
C PHE A 198 5.20 -15.07 -5.32
N SER A 199 4.84 -15.78 -4.26
CA SER A 199 3.58 -15.49 -3.61
C SER A 199 3.64 -14.11 -2.99
N MET A 200 2.46 -13.57 -2.68
CA MET A 200 2.35 -12.25 -2.07
C MET A 200 3.38 -12.12 -0.97
N THR A 201 3.62 -13.20 -0.25
CA THR A 201 4.61 -13.18 0.82
C THR A 201 6.01 -12.87 0.24
N GLU A 202 6.28 -13.36 -0.97
CA GLU A 202 7.57 -13.10 -1.61
C GLU A 202 7.60 -11.68 -2.08
N VAL A 203 6.47 -11.22 -2.60
CA VAL A 203 6.35 -9.85 -3.05
C VAL A 203 6.72 -9.05 -1.81
N ASP A 204 6.00 -9.34 -0.73
CA ASP A 204 6.18 -8.67 0.55
C ASP A 204 7.62 -8.63 0.99
N LYS A 205 8.31 -9.75 0.85
CA LYS A 205 9.70 -9.84 1.25
C LYS A 205 10.68 -9.04 0.40
N LEU A 206 10.75 -9.35 -0.88
CA LEU A 206 11.69 -8.68 -1.79
C LEU A 206 11.31 -7.29 -2.27
N GLY A 207 10.03 -7.11 -2.61
CA GLY A 207 9.59 -5.84 -3.14
C GLY A 207 9.55 -6.03 -4.64
N ILE A 208 8.40 -5.73 -5.23
CA ILE A 208 8.20 -5.90 -6.67
C ILE A 208 9.47 -5.71 -7.49
N GLY A 209 10.27 -4.69 -7.16
CA GLY A 209 11.49 -4.44 -7.91
C GLY A 209 12.40 -5.66 -8.04
N LYS A 210 12.82 -6.20 -6.90
CA LYS A 210 13.67 -7.39 -6.82
C LYS A 210 12.93 -8.60 -7.39
N VAL A 211 11.63 -8.66 -7.13
CA VAL A 211 10.81 -9.76 -7.64
C VAL A 211 10.95 -9.86 -9.15
N MET A 212 10.91 -8.71 -9.83
CA MET A 212 11.03 -8.69 -11.30
C MET A 212 12.46 -8.92 -11.71
N GLU A 213 13.37 -8.22 -11.04
CA GLU A 213 14.80 -8.33 -11.28
C GLU A 213 15.18 -9.81 -11.29
N GLU A 214 14.75 -10.54 -10.25
CA GLU A 214 15.04 -11.97 -10.16
C GLU A 214 14.41 -12.71 -11.34
N THR A 215 13.09 -12.88 -11.29
CA THR A 215 12.34 -13.58 -12.33
C THR A 215 12.97 -13.47 -13.71
N PHE A 216 13.54 -12.31 -14.01
CA PHE A 216 14.18 -12.12 -15.32
C PHE A 216 15.41 -12.98 -15.45
N SER A 217 16.44 -12.70 -14.66
CA SER A 217 17.65 -13.52 -14.73
C SER A 217 17.24 -15.00 -14.81
N TYR A 218 16.45 -15.46 -13.84
CA TYR A 218 16.00 -16.84 -13.80
C TYR A 218 15.46 -17.37 -15.14
N LEU A 219 14.91 -16.48 -15.96
CA LEU A 219 14.35 -16.88 -17.26
C LEU A 219 15.20 -16.46 -18.48
N LEU A 220 15.73 -15.25 -18.43
CA LEU A 220 16.54 -14.72 -19.54
C LEU A 220 18.02 -14.66 -19.18
N GLY A 221 18.42 -15.41 -18.15
CA GLY A 221 19.81 -15.40 -17.73
C GLY A 221 20.75 -15.92 -18.80
N ARG A 222 20.43 -17.11 -19.31
CA ARG A 222 21.23 -17.74 -20.35
C ARG A 222 20.83 -17.23 -21.73
N LYS A 223 19.80 -17.87 -22.30
CA LYS A 223 19.32 -17.48 -23.63
C LYS A 223 18.12 -16.53 -23.54
N LYS A 224 18.30 -15.31 -24.02
CA LYS A 224 17.22 -14.34 -24.04
C LYS A 224 16.16 -14.87 -25.00
N ARG A 225 14.95 -15.09 -24.51
CA ARG A 225 13.87 -15.58 -25.37
C ARG A 225 12.67 -14.63 -25.36
N PRO A 226 11.59 -15.00 -26.08
CA PRO A 226 10.42 -14.11 -26.09
C PRO A 226 9.61 -14.33 -24.82
N ILE A 227 8.88 -13.30 -24.41
CA ILE A 227 8.05 -13.36 -23.20
C ILE A 227 6.57 -13.45 -23.52
N HIS A 228 5.85 -14.17 -22.68
CA HIS A 228 4.42 -14.28 -22.82
C HIS A 228 3.86 -13.93 -21.45
N LEU A 229 3.43 -12.68 -21.30
CA LEU A 229 2.85 -12.24 -20.05
C LEU A 229 1.35 -12.51 -20.03
N SER A 230 0.94 -13.52 -19.28
CA SER A 230 -0.46 -13.84 -19.17
C SER A 230 -0.89 -13.10 -17.90
N PHE A 231 -1.53 -11.96 -18.08
CA PHE A 231 -1.95 -11.17 -16.93
C PHE A 231 -3.41 -11.38 -16.59
N ASP A 232 -3.63 -11.72 -15.32
CA ASP A 232 -4.97 -11.98 -14.82
C ASP A 232 -5.44 -10.86 -13.94
N VAL A 233 -6.17 -9.92 -14.53
CA VAL A 233 -6.72 -8.77 -13.85
C VAL A 233 -7.02 -9.00 -12.36
N ASP A 234 -7.28 -10.26 -11.97
CA ASP A 234 -7.56 -10.54 -10.56
C ASP A 234 -6.32 -10.65 -9.65
N GLY A 235 -5.14 -10.82 -10.22
CA GLY A 235 -3.92 -10.72 -9.38
C GLY A 235 -3.58 -9.41 -8.68
N LEU A 236 -4.40 -8.39 -8.91
CA LEU A 236 -4.21 -7.11 -8.25
C LEU A 236 -5.14 -7.21 -7.06
N ASP A 237 -5.05 -6.26 -6.14
CA ASP A 237 -5.95 -6.34 -5.00
C ASP A 237 -7.40 -6.01 -5.42
N PRO A 238 -8.40 -6.59 -4.74
CA PRO A 238 -9.78 -6.30 -5.13
C PRO A 238 -10.18 -4.82 -5.14
N VAL A 239 -9.47 -3.98 -4.37
CA VAL A 239 -9.78 -2.55 -4.32
C VAL A 239 -9.48 -1.89 -5.69
N PHE A 240 -8.54 -2.50 -6.42
CA PHE A 240 -8.11 -1.97 -7.70
C PHE A 240 -8.85 -2.54 -8.90
N THR A 241 -9.07 -3.85 -8.91
CA THR A 241 -9.75 -4.50 -10.02
C THR A 241 -10.91 -5.30 -9.51
N PRO A 242 -11.88 -4.63 -8.88
CA PRO A 242 -13.06 -5.31 -8.32
C PRO A 242 -13.94 -6.16 -9.25
N ALA A 243 -14.14 -5.72 -10.49
CA ALA A 243 -14.98 -6.47 -11.43
C ALA A 243 -14.32 -7.76 -11.93
N THR A 244 -14.33 -8.80 -11.09
CA THR A 244 -13.74 -10.11 -11.44
C THR A 244 -14.58 -11.29 -10.96
N GLY A 245 -14.12 -12.50 -11.29
CA GLY A 245 -14.81 -13.70 -10.87
C GLY A 245 -14.41 -13.94 -9.43
N THR A 246 -13.16 -14.32 -9.20
CA THR A 246 -12.69 -14.56 -7.84
C THR A 246 -11.83 -13.44 -7.26
N PRO A 247 -12.35 -12.70 -6.25
CA PRO A 247 -11.42 -11.67 -5.75
C PRO A 247 -10.70 -12.36 -4.56
N VAL A 248 -9.48 -11.89 -4.25
CA VAL A 248 -8.72 -12.46 -3.13
C VAL A 248 -7.94 -11.30 -2.48
N VAL A 249 -8.36 -10.89 -1.28
CA VAL A 249 -7.70 -9.75 -0.62
C VAL A 249 -6.20 -9.90 -0.47
N GLY A 250 -5.50 -8.78 -0.28
CA GLY A 250 -4.07 -8.84 -0.10
C GLY A 250 -3.24 -9.22 -1.32
N GLY A 251 -3.54 -8.57 -2.44
CA GLY A 251 -2.84 -8.83 -3.68
C GLY A 251 -2.08 -7.61 -4.20
N LEU A 252 -1.50 -7.77 -5.38
CA LEU A 252 -0.72 -6.75 -6.06
C LEU A 252 -1.40 -5.38 -6.12
N SER A 253 -0.62 -4.34 -5.93
CA SER A 253 -1.17 -3.00 -5.97
C SER A 253 -1.15 -2.51 -7.42
N TYR A 254 -1.96 -1.50 -7.71
CA TYR A 254 -2.00 -0.92 -9.05
C TYR A 254 -0.53 -0.66 -9.35
N ARG A 255 0.11 0.13 -8.48
CA ARG A 255 1.54 0.46 -8.60
C ARG A 255 2.40 -0.77 -8.90
N GLU A 256 2.37 -1.76 -8.01
CA GLU A 256 3.15 -2.97 -8.21
C GLU A 256 2.83 -3.62 -9.57
N GLY A 257 1.56 -3.58 -9.95
CA GLY A 257 1.14 -4.19 -11.21
C GLY A 257 1.65 -3.39 -12.41
N LEU A 258 1.65 -2.08 -12.25
CA LEU A 258 2.14 -1.23 -13.30
C LEU A 258 3.64 -1.34 -13.29
N TYR A 259 4.23 -1.68 -12.14
CA TYR A 259 5.68 -1.81 -12.15
C TYR A 259 6.08 -3.03 -12.96
N ILE A 260 5.32 -4.11 -12.84
CA ILE A 260 5.61 -5.32 -13.57
C ILE A 260 5.59 -5.05 -15.09
N THR A 261 4.41 -4.78 -15.64
CA THR A 261 4.30 -4.51 -17.08
C THR A 261 5.39 -3.51 -17.52
N GLU A 262 5.77 -2.61 -16.62
CA GLU A 262 6.81 -1.61 -16.92
C GLU A 262 8.19 -2.23 -17.10
N GLU A 263 8.60 -3.10 -16.19
CA GLU A 263 9.89 -3.77 -16.32
C GLU A 263 9.85 -4.78 -17.46
N ILE A 264 8.65 -5.26 -17.77
CA ILE A 264 8.45 -6.21 -18.85
C ILE A 264 8.79 -5.48 -20.16
N TYR A 265 8.15 -4.34 -20.33
CA TYR A 265 8.35 -3.51 -21.50
C TYR A 265 9.81 -3.14 -21.69
N LYS A 266 10.43 -2.63 -20.62
CA LYS A 266 11.83 -2.21 -20.65
C LYS A 266 12.82 -3.30 -21.06
N THR A 267 12.33 -4.48 -21.41
CA THR A 267 13.21 -5.57 -21.83
C THR A 267 13.00 -5.91 -23.30
N GLY A 268 12.06 -5.20 -23.92
CA GLY A 268 11.75 -5.41 -25.32
C GLY A 268 11.48 -6.85 -25.72
N LEU A 269 11.34 -7.74 -24.76
CA LEU A 269 11.11 -9.13 -25.09
C LEU A 269 9.65 -9.59 -25.04
N LEU A 270 8.72 -8.64 -25.09
CA LEU A 270 7.30 -8.99 -25.03
C LEU A 270 6.83 -9.54 -26.37
N SER A 271 6.19 -10.71 -26.33
CA SER A 271 5.72 -11.31 -27.56
C SER A 271 4.21 -11.57 -27.50
N GLY A 272 3.74 -12.09 -26.38
CA GLY A 272 2.33 -12.37 -26.21
C GLY A 272 1.81 -11.84 -24.89
N LEU A 273 0.65 -11.19 -24.93
CA LEU A 273 0.05 -10.61 -23.73
C LEU A 273 -1.38 -11.08 -23.49
N ASP A 274 -1.68 -11.40 -22.23
CA ASP A 274 -3.02 -11.83 -21.87
C ASP A 274 -3.65 -10.96 -20.77
N ILE A 275 -4.81 -10.39 -21.08
CA ILE A 275 -5.55 -9.55 -20.14
C ILE A 275 -6.87 -10.28 -19.96
N MET A 276 -6.86 -11.21 -19.00
CA MET A 276 -8.00 -12.06 -18.67
C MET A 276 -8.70 -11.73 -17.38
N GLU A 277 -9.82 -12.43 -17.17
CA GLU A 277 -10.70 -12.37 -15.97
C GLU A 277 -11.47 -11.10 -15.66
N VAL A 278 -11.70 -10.24 -16.66
CA VAL A 278 -12.43 -9.03 -16.40
C VAL A 278 -13.90 -9.29 -16.62
N ASN A 279 -14.72 -9.10 -15.59
CA ASN A 279 -16.17 -9.34 -15.70
C ASN A 279 -17.00 -8.09 -15.56
N PRO A 280 -17.11 -7.28 -16.64
CA PRO A 280 -17.87 -6.02 -16.72
C PRO A 280 -19.25 -6.01 -16.09
N THR A 281 -19.63 -7.14 -15.51
CA THR A 281 -20.92 -7.30 -14.87
C THR A 281 -20.76 -7.49 -13.37
N LEU A 282 -19.64 -8.08 -12.97
CA LEU A 282 -19.39 -8.32 -11.56
C LEU A 282 -18.89 -7.05 -10.88
N GLY A 283 -19.70 -6.01 -10.92
CA GLY A 283 -19.34 -4.76 -10.27
C GLY A 283 -20.35 -4.39 -9.20
N LYS A 284 -19.87 -4.22 -7.96
CA LYS A 284 -20.73 -3.85 -6.83
C LYS A 284 -21.40 -2.53 -7.19
N THR A 285 -20.64 -1.69 -7.88
CA THR A 285 -21.09 -0.38 -8.35
C THR A 285 -20.41 -0.09 -9.68
N PRO A 286 -21.09 0.67 -10.55
CA PRO A 286 -20.58 1.04 -11.87
C PRO A 286 -19.11 1.51 -11.86
N GLU A 287 -18.73 2.29 -10.85
CA GLU A 287 -17.36 2.76 -10.74
C GLU A 287 -16.40 1.57 -10.70
N GLU A 288 -16.60 0.68 -9.73
CA GLU A 288 -15.77 -0.52 -9.57
C GLU A 288 -15.44 -1.15 -10.91
N VAL A 289 -16.43 -1.25 -11.79
CA VAL A 289 -16.21 -1.80 -13.12
C VAL A 289 -15.24 -0.84 -13.79
N THR A 290 -15.73 0.35 -14.12
CA THR A 290 -14.91 1.39 -14.75
C THR A 290 -13.47 1.33 -14.23
N ARG A 291 -13.34 1.29 -12.90
CA ARG A 291 -12.04 1.22 -12.24
C ARG A 291 -11.31 0.05 -12.89
N THR A 292 -11.85 -1.13 -12.64
CA THR A 292 -11.33 -2.38 -13.15
C THR A 292 -10.94 -2.27 -14.63
N VAL A 293 -11.79 -1.62 -15.39
CA VAL A 293 -11.58 -1.46 -16.81
C VAL A 293 -10.37 -0.61 -17.19
N ASN A 294 -10.28 0.59 -16.65
CA ASN A 294 -9.14 1.45 -17.00
C ASN A 294 -7.81 0.88 -16.51
N THR A 295 -7.75 0.49 -15.24
CA THR A 295 -6.54 -0.09 -14.67
C THR A 295 -6.05 -1.23 -15.59
N ALA A 296 -7.00 -2.00 -16.09
CA ALA A 296 -6.67 -3.09 -16.99
C ALA A 296 -6.06 -2.44 -18.23
N VAL A 297 -6.84 -1.58 -18.86
CA VAL A 297 -6.43 -0.83 -20.04
C VAL A 297 -5.05 -0.24 -19.82
N ALA A 298 -4.89 0.42 -18.68
CA ALA A 298 -3.65 1.05 -18.32
C ALA A 298 -2.53 0.02 -18.32
N LEU A 299 -2.80 -1.15 -17.74
CA LEU A 299 -1.77 -2.18 -17.69
C LEU A 299 -1.31 -2.61 -19.08
N THR A 300 -2.17 -2.45 -20.09
CA THR A 300 -1.78 -2.86 -21.44
C THR A 300 -0.80 -1.86 -21.99
N LEU A 301 -1.26 -0.63 -22.15
CA LEU A 301 -0.44 0.47 -22.65
C LEU A 301 0.88 0.57 -21.89
N SER A 302 0.98 -0.16 -20.78
CA SER A 302 2.19 -0.16 -19.99
C SER A 302 3.19 -1.06 -20.69
N CYS A 303 2.73 -2.27 -20.99
CA CYS A 303 3.53 -3.27 -21.68
C CYS A 303 3.99 -2.77 -23.05
N PHE A 304 3.39 -1.67 -23.50
CA PHE A 304 3.72 -1.14 -24.81
C PHE A 304 4.33 0.26 -24.84
N GLY A 305 5.14 0.58 -23.83
CA GLY A 305 5.78 1.89 -23.86
C GLY A 305 5.53 2.82 -22.69
N THR A 306 4.31 3.34 -22.59
CA THR A 306 3.95 4.27 -21.53
C THR A 306 4.70 3.95 -20.24
N LYS A 307 5.36 4.98 -19.72
CA LYS A 307 6.15 4.90 -18.50
C LYS A 307 5.50 5.87 -17.53
N ARG A 308 5.71 5.69 -16.22
CA ARG A 308 5.10 6.60 -15.27
C ARG A 308 5.93 7.86 -15.09
N GLU A 309 6.93 8.02 -15.94
CA GLU A 309 7.77 9.18 -15.87
C GLU A 309 7.53 10.05 -17.08
N GLY A 310 6.80 9.51 -18.05
CA GLY A 310 6.49 10.26 -19.26
C GLY A 310 6.94 9.60 -20.55
N ASN A 311 6.56 10.20 -21.67
CA ASN A 311 6.90 9.73 -23.01
C ASN A 311 6.84 10.94 -23.94
N HIS A 312 7.80 11.04 -24.86
CA HIS A 312 7.85 12.15 -25.82
C HIS A 312 8.41 11.66 -27.16
N LYS A 313 7.69 11.93 -28.25
CA LYS A 313 8.12 11.51 -29.57
C LYS A 313 9.56 11.99 -29.81
N PRO A 314 10.49 11.05 -30.10
CA PRO A 314 11.89 11.40 -30.33
C PRO A 314 12.12 12.25 -31.57
N GLU A 315 13.31 12.83 -31.66
CA GLU A 315 13.72 13.66 -32.77
C GLU A 315 12.90 14.94 -32.94
N THR A 316 12.03 15.20 -31.98
CA THR A 316 11.22 16.42 -32.04
C THR A 316 11.71 17.32 -30.92
N ASP A 317 11.94 18.58 -31.26
CA ASP A 317 12.40 19.57 -30.30
C ASP A 317 11.16 20.27 -29.76
N TYR A 318 10.76 19.89 -28.54
CA TYR A 318 9.59 20.45 -27.88
C TYR A 318 9.90 21.83 -27.32
N LEU A 319 11.07 22.35 -27.70
CA LEU A 319 11.54 23.67 -27.28
C LEU A 319 11.37 24.69 -28.42
N LYS B 6 13.25 27.46 17.34
CA LYS B 6 13.08 28.08 15.99
C LYS B 6 11.71 28.75 15.81
N PRO B 7 11.58 29.65 14.81
CA PRO B 7 10.32 30.35 14.56
C PRO B 7 9.65 29.93 13.26
N ILE B 8 8.32 30.00 13.26
CA ILE B 8 7.53 29.64 12.10
C ILE B 8 6.56 30.76 11.76
N GLU B 9 6.55 31.18 10.50
CA GLU B 9 5.55 32.18 10.11
C GLU B 9 4.77 31.57 8.96
N ILE B 10 3.45 31.61 9.08
CA ILE B 10 2.56 31.04 8.06
C ILE B 10 2.01 32.13 7.14
N ILE B 11 2.09 31.88 5.84
CA ILE B 11 1.59 32.82 4.83
C ILE B 11 0.49 32.12 4.07
N GLY B 12 -0.63 32.82 3.90
CA GLY B 12 -1.73 32.25 3.17
C GLY B 12 -1.70 32.83 1.77
N ALA B 13 -1.75 31.97 0.75
CA ALA B 13 -1.71 32.42 -0.63
C ALA B 13 -3.02 32.13 -1.35
N PRO B 14 -4.16 32.45 -0.73
CA PRO B 14 -5.47 32.20 -1.36
C PRO B 14 -5.51 32.69 -2.81
N PHE B 15 -5.06 31.86 -3.74
CA PHE B 15 -5.03 32.22 -5.15
C PHE B 15 -5.54 31.05 -6.00
N SER B 16 -5.79 31.27 -7.28
CA SER B 16 -6.28 30.19 -8.12
C SER B 16 -6.21 30.40 -9.62
N LYS B 17 -5.83 31.59 -10.06
CA LYS B 17 -5.75 31.86 -11.50
C LYS B 17 -4.72 31.01 -12.22
N GLY B 18 -3.86 30.34 -11.45
CA GLY B 18 -2.87 29.50 -12.08
C GLY B 18 -3.55 28.38 -12.86
N GLN B 19 -4.84 28.16 -12.57
CA GLN B 19 -5.65 27.13 -13.22
C GLN B 19 -7.15 27.44 -13.16
N PRO B 20 -7.97 26.72 -13.96
CA PRO B 20 -9.43 26.85 -14.07
C PRO B 20 -10.34 26.55 -12.87
N ARG B 21 -10.26 25.32 -12.35
CA ARG B 21 -11.07 24.90 -11.22
C ARG B 21 -10.96 25.84 -10.02
N GLY B 22 -12.10 26.38 -9.59
CA GLY B 22 -12.11 27.29 -8.47
C GLY B 22 -12.28 26.69 -7.09
N GLY B 23 -11.63 27.30 -6.10
CA GLY B 23 -11.72 26.81 -4.74
C GLY B 23 -10.37 26.81 -4.06
N VAL B 24 -9.32 26.51 -4.82
CA VAL B 24 -7.97 26.45 -4.29
C VAL B 24 -7.55 27.63 -3.40
N GLU B 25 -8.18 28.79 -3.58
CA GLU B 25 -7.83 29.94 -2.75
C GLU B 25 -8.46 29.75 -1.38
N LYS B 26 -9.47 28.87 -1.32
CA LYS B 26 -10.11 28.56 -0.05
C LYS B 26 -9.17 27.63 0.71
N GLY B 27 -8.06 27.27 0.05
CA GLY B 27 -7.08 26.39 0.67
C GLY B 27 -6.69 26.79 2.07
N PRO B 28 -5.97 27.91 2.25
CA PRO B 28 -5.56 28.37 3.58
C PRO B 28 -6.74 28.59 4.53
N ALA B 29 -7.91 28.79 3.93
CA ALA B 29 -9.13 29.01 4.69
C ALA B 29 -9.57 27.75 5.41
N ALA B 30 -9.39 26.59 4.75
CA ALA B 30 -9.78 25.32 5.33
C ALA B 30 -8.68 24.82 6.27
N LEU B 31 -7.43 25.02 5.84
CA LEU B 31 -6.29 24.59 6.63
C LEU B 31 -6.26 25.22 8.01
N ARG B 32 -6.51 26.52 8.10
CA ARG B 32 -6.49 27.15 9.41
C ARG B 32 -7.66 26.62 10.21
N LYS B 33 -8.80 26.45 9.53
CA LYS B 33 -10.01 25.93 10.14
C LYS B 33 -9.78 24.53 10.68
N ALA B 34 -8.82 23.81 10.09
CA ALA B 34 -8.51 22.47 10.56
C ALA B 34 -7.57 22.62 11.75
N GLY B 35 -7.43 23.87 12.20
CA GLY B 35 -6.59 24.19 13.34
C GLY B 35 -5.10 24.08 13.11
N LEU B 36 -4.68 24.22 11.86
CA LEU B 36 -3.26 24.10 11.56
C LEU B 36 -2.37 24.99 12.43
N VAL B 37 -2.81 26.22 12.68
CA VAL B 37 -2.00 27.13 13.48
C VAL B 37 -1.69 26.59 14.89
N GLU B 38 -2.74 26.37 15.69
CA GLU B 38 -2.58 25.88 17.06
C GLU B 38 -1.72 24.62 17.18
N LYS B 39 -2.08 23.57 16.43
CA LYS B 39 -1.32 22.33 16.49
C LYS B 39 0.14 22.65 16.29
N LEU B 40 0.44 23.53 15.34
CA LEU B 40 1.81 23.89 15.07
C LEU B 40 2.44 24.46 16.34
N LYS B 41 1.68 25.28 17.06
CA LYS B 41 2.19 25.88 18.29
C LYS B 41 2.59 24.81 19.28
N GLU B 42 1.88 23.68 19.24
CA GLU B 42 2.16 22.57 20.14
C GLU B 42 3.56 21.99 20.00
N THR B 43 4.32 22.48 19.03
CA THR B 43 5.69 21.98 18.86
C THR B 43 6.69 22.83 19.60
N GLU B 44 7.97 22.61 19.27
CA GLU B 44 9.08 23.36 19.86
C GLU B 44 9.34 24.65 19.05
N TYR B 45 8.49 24.90 18.06
CA TYR B 45 8.59 26.08 17.21
C TYR B 45 7.58 27.16 17.60
N ASN B 46 7.99 28.42 17.46
CA ASN B 46 7.11 29.53 17.77
C ASN B 46 6.44 29.81 16.44
N VAL B 47 5.13 30.02 16.46
CA VAL B 47 4.42 30.25 15.21
C VAL B 47 3.72 31.59 15.13
N ARG B 48 3.90 32.26 13.99
CA ARG B 48 3.26 33.54 13.74
C ARG B 48 2.48 33.40 12.46
N ASP B 49 1.17 33.66 12.54
CA ASP B 49 0.31 33.59 11.37
C ASP B 49 0.31 34.99 10.77
N HIS B 50 0.72 35.07 9.50
CA HIS B 50 0.82 36.34 8.76
C HIS B 50 -0.52 36.71 8.09
N GLY B 51 -1.45 35.78 8.04
CA GLY B 51 -2.73 36.05 7.43
C GLY B 51 -2.69 35.74 5.95
N ASP B 52 -3.71 36.18 5.21
CA ASP B 52 -3.80 35.92 3.78
C ASP B 52 -3.50 37.09 2.88
N LEU B 53 -2.36 37.01 2.19
CA LEU B 53 -1.99 38.06 1.27
C LEU B 53 -3.16 38.30 0.30
N ALA B 54 -3.89 39.40 0.51
CA ALA B 54 -5.01 39.72 -0.37
C ALA B 54 -4.36 40.07 -1.70
N PHE B 55 -4.91 39.55 -2.79
CA PHE B 55 -4.32 39.82 -4.09
C PHE B 55 -5.18 40.69 -4.99
N VAL B 56 -4.66 41.89 -5.27
CA VAL B 56 -5.32 42.86 -6.14
C VAL B 56 -5.47 42.25 -7.52
N ASP B 57 -6.67 42.33 -8.10
CA ASP B 57 -6.88 41.73 -9.42
C ASP B 57 -6.53 42.62 -10.60
N VAL B 58 -5.75 42.05 -11.52
CA VAL B 58 -5.31 42.74 -12.74
C VAL B 58 -6.41 42.86 -13.78
N PRO B 59 -7.06 44.04 -13.85
CA PRO B 59 -8.13 44.28 -14.81
C PRO B 59 -7.66 44.02 -16.23
N ASN B 60 -8.50 43.36 -17.00
CA ASN B 60 -8.16 43.03 -18.38
C ASN B 60 -6.79 42.37 -18.46
N ASP B 61 -6.72 41.11 -18.07
CA ASP B 61 -5.49 40.34 -18.12
C ASP B 61 -5.60 39.54 -19.42
N SER B 62 -4.67 39.77 -20.35
CA SER B 62 -4.70 39.10 -21.65
C SER B 62 -3.93 37.77 -21.74
N PRO B 63 -4.49 36.78 -22.44
CA PRO B 63 -3.90 35.45 -22.64
C PRO B 63 -2.66 35.38 -23.53
N PHE B 64 -1.49 35.69 -22.97
CA PHE B 64 -0.21 35.66 -23.67
C PHE B 64 -0.10 34.41 -24.57
N GLN B 65 -0.65 34.49 -25.78
CA GLN B 65 -0.65 33.38 -26.74
C GLN B 65 -1.64 32.30 -26.29
N ILE B 66 -1.17 31.40 -25.43
CA ILE B 66 -1.96 30.30 -24.86
C ILE B 66 -2.11 30.53 -23.35
N VAL B 67 -1.00 30.97 -22.73
CA VAL B 67 -0.95 31.25 -21.30
C VAL B 67 -2.03 32.23 -20.86
N LYS B 68 -2.79 31.87 -19.84
CA LYS B 68 -3.87 32.71 -19.36
C LYS B 68 -3.53 33.42 -18.07
N ASN B 69 -4.41 34.34 -17.68
CA ASN B 69 -4.27 35.15 -16.46
C ASN B 69 -2.81 35.40 -16.06
N PRO B 70 -1.95 35.78 -17.01
CA PRO B 70 -0.52 36.03 -16.77
C PRO B 70 -0.20 37.12 -15.77
N ARG B 71 -0.62 38.35 -16.07
CA ARG B 71 -0.36 39.48 -15.19
C ARG B 71 -0.80 39.16 -13.76
N SER B 72 -1.93 38.48 -13.64
CA SER B 72 -2.45 38.09 -12.33
C SER B 72 -1.37 37.31 -11.56
N VAL B 73 -1.01 36.14 -12.10
CA VAL B 73 -0.01 35.25 -11.54
C VAL B 73 1.38 35.90 -11.42
N GLY B 74 1.61 36.95 -12.18
CA GLY B 74 2.90 37.61 -12.12
C GLY B 74 2.97 38.55 -10.93
N LYS B 75 1.88 39.26 -10.68
CA LYS B 75 1.85 40.20 -9.57
C LYS B 75 1.53 39.53 -8.24
N ALA B 76 0.73 38.47 -8.30
CA ALA B 76 0.35 37.73 -7.09
C ALA B 76 1.59 37.03 -6.54
N ASN B 77 2.41 36.49 -7.45
CA ASN B 77 3.64 35.78 -7.11
C ASN B 77 4.75 36.76 -6.77
N GLU B 78 4.62 38.00 -7.23
CA GLU B 78 5.61 39.03 -6.94
C GLU B 78 5.40 39.47 -5.51
N GLN B 79 4.14 39.65 -5.13
CA GLN B 79 3.80 40.07 -3.79
C GLN B 79 4.25 39.02 -2.77
N LEU B 80 4.14 37.75 -3.14
CA LEU B 80 4.50 36.63 -2.26
C LEU B 80 5.99 36.49 -2.03
N ALA B 81 6.75 36.29 -3.10
CA ALA B 81 8.20 36.13 -3.00
C ALA B 81 8.70 37.14 -1.97
N ALA B 82 8.24 38.38 -2.13
CA ALA B 82 8.58 39.48 -1.24
C ALA B 82 8.43 39.10 0.23
N VAL B 83 7.19 38.80 0.65
CA VAL B 83 6.96 38.43 2.03
C VAL B 83 7.86 37.29 2.47
N VAL B 84 8.05 36.31 1.60
CA VAL B 84 8.90 35.16 1.90
C VAL B 84 10.35 35.56 2.21
N ALA B 85 10.94 36.36 1.34
CA ALA B 85 12.32 36.81 1.55
C ALA B 85 12.29 37.63 2.83
N GLU B 86 11.17 38.29 3.07
CA GLU B 86 10.94 39.18 4.21
C GLU B 86 11.09 38.43 5.52
N THR B 87 10.51 37.24 5.60
CA THR B 87 10.55 36.42 6.79
C THR B 87 11.90 35.74 6.80
N GLN B 88 12.22 35.06 5.71
CA GLN B 88 13.50 34.37 5.56
C GLN B 88 14.69 35.11 6.15
N LYS B 89 14.67 36.45 6.03
CA LYS B 89 15.74 37.31 6.53
C LYS B 89 15.72 37.37 8.05
N ASN B 90 14.51 37.39 8.63
CA ASN B 90 14.33 37.43 10.08
C ASN B 90 14.79 36.12 10.68
N GLY B 91 14.97 35.12 9.80
CA GLY B 91 15.43 33.82 10.24
C GLY B 91 14.35 32.77 10.46
N THR B 92 13.07 33.15 10.35
CA THR B 92 11.99 32.18 10.57
C THR B 92 11.74 31.31 9.34
N ILE B 93 11.10 30.15 9.57
CA ILE B 93 10.77 29.21 8.50
C ILE B 93 9.44 29.59 7.86
N SER B 94 9.46 29.74 6.54
CA SER B 94 8.26 30.11 5.79
C SER B 94 7.43 28.90 5.43
N VAL B 95 6.12 28.97 5.69
CA VAL B 95 5.20 27.87 5.37
C VAL B 95 3.99 28.42 4.63
N VAL B 96 4.04 28.28 3.31
CA VAL B 96 3.00 28.79 2.43
C VAL B 96 1.78 27.91 2.17
N LEU B 97 0.70 28.19 2.89
CA LEU B 97 -0.57 27.49 2.68
C LEU B 97 -0.94 28.04 1.33
N GLY B 98 -1.48 27.23 0.43
CA GLY B 98 -1.79 27.79 -0.87
C GLY B 98 -3.06 27.49 -1.64
N GLY B 99 -3.02 28.00 -2.85
CA GLY B 99 -4.09 27.86 -3.81
C GLY B 99 -3.28 27.08 -4.82
N ASP B 100 -3.51 27.28 -6.11
CA ASP B 100 -2.75 26.52 -7.11
C ASP B 100 -1.23 26.59 -6.89
N HIS B 101 -0.54 25.59 -7.42
CA HIS B 101 0.90 25.44 -7.26
C HIS B 101 1.76 26.45 -8.00
N SER B 102 1.15 27.48 -8.59
CA SER B 102 1.93 28.47 -9.30
C SER B 102 2.44 29.54 -8.33
N MET B 103 2.08 29.40 -7.06
CA MET B 103 2.54 30.34 -6.06
C MET B 103 3.90 29.82 -5.60
N ALA B 104 4.38 28.81 -6.30
CA ALA B 104 5.68 28.22 -6.00
C ALA B 104 6.78 29.19 -6.44
N ILE B 105 6.61 29.81 -7.60
CA ILE B 105 7.60 30.78 -8.08
C ILE B 105 7.75 31.82 -6.96
N GLY B 106 6.65 32.46 -6.60
CA GLY B 106 6.68 33.44 -5.53
C GLY B 106 7.48 32.90 -4.35
N SER B 107 6.92 31.91 -3.66
CA SER B 107 7.59 31.31 -2.49
C SER B 107 9.08 31.03 -2.73
N ILE B 108 9.36 30.18 -3.71
CA ILE B 108 10.73 29.80 -4.03
C ILE B 108 11.62 31.00 -4.27
N SER B 109 11.18 31.94 -5.11
CA SER B 109 11.98 33.14 -5.40
C SER B 109 12.29 33.84 -4.08
N GLY B 110 11.24 34.27 -3.39
CA GLY B 110 11.42 34.96 -2.14
C GLY B 110 12.44 34.25 -1.27
N HIS B 111 12.38 32.93 -1.25
CA HIS B 111 13.32 32.14 -0.45
C HIS B 111 14.79 32.28 -0.90
N ALA B 112 15.01 32.14 -2.21
CA ALA B 112 16.35 32.22 -2.81
C ALA B 112 17.06 33.56 -2.56
N ARG B 113 16.27 34.59 -2.31
CA ARG B 113 16.81 35.92 -2.06
C ARG B 113 17.67 35.89 -0.80
N VAL B 114 17.20 35.22 0.24
CA VAL B 114 17.94 35.14 1.49
C VAL B 114 18.89 33.94 1.56
N HIS B 115 18.54 32.87 0.85
CA HIS B 115 19.36 31.66 0.79
C HIS B 115 19.42 31.15 -0.64
N PRO B 116 20.29 31.73 -1.46
CA PRO B 116 20.48 31.39 -2.88
C PRO B 116 21.19 30.07 -3.09
N ASP B 117 21.50 29.38 -2.00
CA ASP B 117 22.19 28.09 -2.09
C ASP B 117 21.26 26.92 -1.82
N LEU B 118 19.97 27.21 -1.64
CA LEU B 118 18.95 26.20 -1.36
C LEU B 118 18.75 25.16 -2.48
N CYS B 119 18.17 24.03 -2.09
CA CYS B 119 17.85 22.96 -3.02
C CYS B 119 16.34 22.96 -2.97
N VAL B 120 15.72 22.01 -3.65
CA VAL B 120 14.27 21.96 -3.67
C VAL B 120 13.75 20.54 -3.85
N ILE B 121 12.90 20.11 -2.92
CA ILE B 121 12.28 18.78 -3.02
C ILE B 121 10.85 19.05 -3.50
N TRP B 122 10.52 18.52 -4.66
CA TRP B 122 9.21 18.75 -5.25
C TRP B 122 8.31 17.50 -5.28
N VAL B 123 7.45 17.38 -4.27
CA VAL B 123 6.51 16.27 -4.19
C VAL B 123 5.20 16.74 -4.87
N ASP B 124 4.99 16.22 -6.08
CA ASP B 124 3.84 16.58 -6.92
C ASP B 124 3.68 15.36 -7.80
N ALA B 125 2.48 15.16 -8.34
CA ALA B 125 2.26 14.04 -9.25
C ALA B 125 2.90 14.46 -10.58
N HIS B 126 2.85 15.77 -10.82
CA HIS B 126 3.37 16.40 -12.03
C HIS B 126 4.68 17.12 -11.83
N THR B 127 5.43 17.24 -12.92
CA THR B 127 6.70 17.96 -12.94
C THR B 127 6.36 19.44 -12.96
N ASP B 128 5.32 19.79 -13.72
CA ASP B 128 4.87 21.18 -13.85
C ASP B 128 5.99 22.03 -14.44
N ILE B 129 6.90 21.36 -15.16
CA ILE B 129 8.08 21.99 -15.79
C ILE B 129 7.86 22.41 -17.25
N ASN B 130 6.59 22.60 -17.62
CA ASN B 130 6.24 23.02 -18.97
C ASN B 130 6.42 24.53 -19.13
N THR B 131 6.65 24.95 -20.36
CA THR B 131 6.85 26.34 -20.69
C THR B 131 5.66 26.84 -21.50
N PRO B 132 5.56 28.17 -21.67
CA PRO B 132 4.48 28.82 -22.43
C PRO B 132 4.39 28.23 -23.84
N LEU B 133 5.48 27.59 -24.23
CA LEU B 133 5.65 26.95 -25.54
C LEU B 133 5.05 25.55 -25.52
N THR B 134 5.41 24.80 -24.49
CA THR B 134 4.97 23.43 -24.31
C THR B 134 3.50 23.27 -23.89
N THR B 135 3.17 23.77 -22.71
CA THR B 135 1.82 23.68 -22.16
C THR B 135 0.70 23.66 -23.20
N SER B 136 -0.25 22.74 -23.00
CA SER B 136 -1.41 22.63 -23.87
C SER B 136 -2.49 23.36 -23.08
N SER B 137 -2.04 24.34 -22.31
CA SER B 137 -2.92 25.15 -21.49
C SER B 137 -2.10 26.29 -20.90
N GLY B 138 -2.74 27.44 -20.72
CA GLY B 138 -2.05 28.60 -20.20
C GLY B 138 -2.03 28.61 -18.68
N ASN B 139 -2.34 27.45 -18.13
CA ASN B 139 -2.39 27.23 -16.68
C ASN B 139 -0.97 27.22 -16.13
N LEU B 140 -0.50 28.40 -15.75
CA LEU B 140 0.83 28.55 -15.20
C LEU B 140 1.14 27.70 -13.97
N HIS B 141 0.12 27.02 -13.41
CA HIS B 141 0.36 26.17 -12.25
C HIS B 141 1.11 24.93 -12.72
N GLY B 142 1.35 24.87 -14.04
CA GLY B 142 2.06 23.75 -14.63
C GLY B 142 3.33 24.20 -15.32
N GLN B 143 3.92 25.29 -14.81
CA GLN B 143 5.14 25.88 -15.34
C GLN B 143 6.13 26.42 -14.28
N PRO B 144 5.66 26.62 -13.03
CA PRO B 144 6.50 27.14 -11.94
C PRO B 144 8.00 26.88 -11.96
N VAL B 145 8.41 25.69 -12.37
CA VAL B 145 9.84 25.38 -12.39
C VAL B 145 10.53 26.07 -13.58
N ALA B 146 9.80 26.18 -14.68
CA ALA B 146 10.32 26.80 -15.90
C ALA B 146 10.67 28.28 -15.69
N PHE B 147 10.11 28.88 -14.63
CA PHE B 147 10.38 30.28 -14.32
C PHE B 147 11.53 30.40 -13.35
N LEU B 148 11.68 29.37 -12.52
CA LEU B 148 12.71 29.37 -11.51
C LEU B 148 14.02 28.80 -12.03
N LEU B 149 13.93 28.00 -13.08
CA LEU B 149 15.11 27.41 -13.68
C LEU B 149 15.90 28.37 -14.54
N LYS B 150 17.22 28.28 -14.42
CA LYS B 150 18.14 29.12 -15.19
C LYS B 150 18.31 28.48 -16.57
N GLU B 151 18.52 27.17 -16.60
CA GLU B 151 18.70 26.42 -17.85
C GLU B 151 17.49 26.56 -18.75
N LEU B 152 16.50 27.30 -18.31
CA LEU B 152 15.29 27.50 -19.09
C LEU B 152 15.07 28.96 -19.42
N LYS B 153 15.91 29.82 -18.85
CA LYS B 153 15.81 31.25 -19.10
C LYS B 153 16.04 31.53 -20.58
N GLY B 154 15.29 32.49 -21.11
CA GLY B 154 15.42 32.84 -22.51
C GLY B 154 15.15 31.64 -23.40
N LYS B 155 14.43 30.66 -22.87
CA LYS B 155 14.08 29.47 -23.63
C LYS B 155 12.61 29.60 -24.04
N PHE B 156 12.04 30.76 -23.73
CA PHE B 156 10.65 31.08 -24.04
C PHE B 156 10.39 32.60 -23.91
N PRO B 157 9.39 33.12 -24.66
CA PRO B 157 9.04 34.54 -24.64
C PRO B 157 8.69 35.09 -23.26
N ASP B 158 9.47 36.04 -22.80
CA ASP B 158 9.25 36.67 -21.50
C ASP B 158 7.75 36.85 -21.31
N VAL B 159 7.26 36.46 -20.13
CA VAL B 159 5.84 36.53 -19.86
C VAL B 159 5.38 37.78 -19.09
N PRO B 160 4.24 38.36 -19.54
CA PRO B 160 3.58 39.55 -19.00
C PRO B 160 3.21 39.46 -17.52
N GLY B 161 4.12 39.91 -16.66
CA GLY B 161 3.88 39.90 -15.24
C GLY B 161 4.95 39.23 -14.41
N PHE B 162 5.83 38.49 -15.07
CA PHE B 162 6.88 37.76 -14.37
C PHE B 162 8.26 38.35 -14.62
N SER B 163 8.30 39.63 -15.00
CA SER B 163 9.55 40.31 -15.25
C SER B 163 10.47 40.17 -14.04
N TRP B 164 9.97 40.61 -12.88
CA TRP B 164 10.66 40.57 -11.58
C TRP B 164 11.23 39.18 -11.24
N VAL B 165 10.76 38.16 -11.94
CA VAL B 165 11.20 36.80 -11.71
C VAL B 165 12.62 36.59 -12.23
N THR B 166 13.45 35.95 -11.40
CA THR B 166 14.84 35.68 -11.76
C THR B 166 15.16 34.19 -11.61
N PRO B 167 15.40 33.51 -12.74
CA PRO B 167 15.73 32.08 -12.69
C PRO B 167 16.77 31.89 -11.59
N CYS B 168 16.36 31.27 -10.49
CA CYS B 168 17.23 31.09 -9.33
C CYS B 168 17.96 29.76 -9.07
N ILE B 169 17.52 28.66 -9.67
CA ILE B 169 18.23 27.40 -9.43
C ILE B 169 18.36 26.53 -10.67
N SER B 170 19.46 25.78 -10.73
CA SER B 170 19.71 24.89 -11.85
C SER B 170 19.09 23.53 -11.55
N ALA B 171 19.13 22.62 -12.52
CA ALA B 171 18.55 21.28 -12.35
C ALA B 171 19.36 20.43 -11.38
N LYS B 172 20.48 20.97 -10.92
CA LYS B 172 21.35 20.25 -10.00
C LYS B 172 20.94 20.45 -8.54
N ASP B 173 19.95 21.29 -8.32
CA ASP B 173 19.50 21.58 -6.96
C ASP B 173 18.03 21.20 -6.73
N ILE B 174 17.33 20.83 -7.79
CA ILE B 174 15.91 20.44 -7.71
C ILE B 174 15.74 18.93 -7.71
N VAL B 175 14.77 18.43 -6.93
CA VAL B 175 14.48 16.99 -6.88
C VAL B 175 12.96 16.74 -6.79
N TYR B 176 12.45 15.98 -7.76
CA TYR B 176 11.05 15.64 -7.87
C TYR B 176 10.75 14.29 -7.25
N ILE B 177 9.67 14.20 -6.49
CA ILE B 177 9.28 12.92 -5.89
C ILE B 177 7.76 12.76 -6.06
N GLY B 178 7.35 11.63 -6.63
CA GLY B 178 5.93 11.35 -6.83
C GLY B 178 5.40 11.53 -8.24
N LEU B 179 6.29 11.79 -9.20
CA LEU B 179 5.87 11.99 -10.59
C LEU B 179 5.19 10.75 -11.19
N ARG B 180 4.04 10.98 -11.80
CA ARG B 180 3.30 9.89 -12.38
C ARG B 180 2.41 10.37 -13.52
N ASP B 181 2.40 11.67 -13.78
CA ASP B 181 1.62 12.21 -14.88
C ASP B 181 2.40 13.34 -15.57
N VAL B 182 3.41 12.94 -16.34
CA VAL B 182 4.26 13.92 -17.02
C VAL B 182 4.04 14.05 -18.52
N ASP B 183 3.87 15.29 -18.96
CA ASP B 183 3.66 15.63 -20.37
C ASP B 183 4.91 15.43 -21.22
N PRO B 184 4.72 15.16 -22.52
CA PRO B 184 5.83 14.96 -23.46
C PRO B 184 6.91 16.01 -23.22
N GLY B 185 6.61 17.25 -23.64
CA GLY B 185 7.54 18.35 -23.48
C GLY B 185 8.28 18.29 -22.17
N GLU B 186 7.54 18.09 -21.09
CA GLU B 186 8.15 18.02 -19.78
C GLU B 186 9.19 16.90 -19.69
N HIS B 187 8.87 15.71 -20.23
CA HIS B 187 9.81 14.60 -20.17
C HIS B 187 11.09 15.00 -20.87
N TYR B 188 10.93 15.63 -22.02
CA TYR B 188 12.06 16.11 -22.82
C TYR B 188 12.96 16.92 -21.90
N ILE B 189 12.41 18.03 -21.42
CA ILE B 189 13.08 18.95 -20.53
C ILE B 189 13.83 18.28 -19.37
N ILE B 190 13.14 17.48 -18.56
CA ILE B 190 13.81 16.82 -17.43
C ILE B 190 14.98 15.90 -17.82
N LYS B 191 14.84 15.22 -18.95
CA LYS B 191 15.89 14.32 -19.43
C LYS B 191 17.06 15.17 -19.92
N THR B 192 16.74 16.06 -20.85
CA THR B 192 17.70 16.96 -21.45
C THR B 192 18.50 17.73 -20.42
N LEU B 193 17.81 18.50 -19.60
CA LEU B 193 18.45 19.29 -18.57
C LEU B 193 18.93 18.46 -17.42
N GLY B 194 18.87 17.13 -17.57
CA GLY B 194 19.33 16.26 -16.50
C GLY B 194 18.84 16.69 -15.12
N ILE B 195 17.58 16.37 -14.83
CA ILE B 195 16.96 16.70 -13.55
C ILE B 195 16.76 15.44 -12.74
N LYS B 196 17.34 15.38 -11.54
CA LYS B 196 17.18 14.21 -10.68
C LYS B 196 15.74 14.10 -10.20
N TYR B 197 15.13 12.95 -10.44
CA TYR B 197 13.74 12.70 -10.06
C TYR B 197 13.52 11.27 -9.59
N PHE B 198 12.30 10.98 -9.14
CA PHE B 198 11.94 9.66 -8.67
C PHE B 198 10.47 9.40 -8.97
N SER B 199 10.19 8.92 -10.17
CA SER B 199 8.80 8.65 -10.51
C SER B 199 8.29 7.51 -9.64
N MET B 200 6.97 7.39 -9.58
CA MET B 200 6.32 6.34 -8.80
C MET B 200 7.05 5.03 -9.03
N THR B 201 7.49 4.81 -10.26
CA THR B 201 8.21 3.58 -10.57
C THR B 201 9.52 3.50 -9.75
N GLU B 202 10.14 4.64 -9.48
CA GLU B 202 11.37 4.66 -8.68
C GLU B 202 11.01 4.44 -7.24
N VAL B 203 9.91 5.05 -6.83
CA VAL B 203 9.42 4.89 -5.47
C VAL B 203 9.29 3.37 -5.35
N ASP B 204 8.51 2.81 -6.28
CA ASP B 204 8.24 1.39 -6.32
C ASP B 204 9.47 0.54 -6.21
N LYS B 205 10.51 0.93 -6.94
CA LYS B 205 11.75 0.18 -6.94
C LYS B 205 12.55 0.25 -5.64
N LEU B 206 12.95 1.45 -5.25
CA LEU B 206 13.76 1.64 -4.05
C LEU B 206 13.03 1.58 -2.70
N GLY B 207 11.85 2.18 -2.65
CA GLY B 207 11.12 2.23 -1.39
C GLY B 207 11.41 3.59 -0.81
N ILE B 208 10.36 4.33 -0.50
CA ILE B 208 10.48 5.68 0.02
C ILE B 208 11.74 5.90 0.87
N GLY B 209 12.09 4.93 1.72
CA GLY B 209 13.28 5.08 2.55
C GLY B 209 14.53 5.43 1.78
N LYS B 210 14.90 4.56 0.83
CA LYS B 210 16.08 4.72 -0.03
C LYS B 210 15.88 5.96 -0.92
N VAL B 211 14.65 6.18 -1.36
CA VAL B 211 14.34 7.33 -2.21
C VAL B 211 14.77 8.61 -1.50
N MET B 212 14.48 8.72 -0.20
CA MET B 212 14.84 9.92 0.58
C MET B 212 16.33 9.91 0.87
N GLU B 213 16.81 8.76 1.31
CA GLU B 213 18.22 8.55 1.63
C GLU B 213 19.06 9.07 0.46
N GLU B 214 18.72 8.65 -0.76
CA GLU B 214 19.44 9.10 -1.94
C GLU B 214 19.31 10.60 -2.10
N THR B 215 18.14 11.04 -2.54
CA THR B 215 17.86 12.46 -2.75
C THR B 215 18.65 13.39 -1.84
N PHE B 216 18.86 12.97 -0.60
CA PHE B 216 19.60 13.80 0.33
C PHE B 216 21.06 13.89 -0.08
N SER B 217 21.78 12.78 -0.03
CA SER B 217 23.18 12.81 -0.43
C SER B 217 23.31 13.63 -1.72
N TYR B 218 22.55 13.25 -2.75
CA TYR B 218 22.58 13.96 -4.03
C TYR B 218 22.50 15.49 -3.92
N LEU B 219 21.84 15.98 -2.87
CA LEU B 219 21.68 17.42 -2.67
C LEU B 219 22.55 18.01 -1.55
N LEU B 220 22.64 17.29 -0.43
CA LEU B 220 23.40 17.74 0.73
C LEU B 220 24.69 16.94 0.91
N GLY B 221 25.13 16.27 -0.15
CA GLY B 221 26.34 15.47 -0.08
C GLY B 221 27.57 16.31 0.20
N ARG B 222 27.76 17.34 -0.60
CA ARG B 222 28.90 18.24 -0.44
C ARG B 222 28.60 19.33 0.58
N LYS B 223 27.96 20.40 0.14
CA LYS B 223 27.62 21.51 1.01
C LYS B 223 26.18 21.41 1.52
N LYS B 224 26.03 21.24 2.83
CA LYS B 224 24.71 21.18 3.44
C LYS B 224 24.08 22.55 3.26
N ARG B 225 22.94 22.62 2.58
CA ARG B 225 22.25 23.89 2.38
C ARG B 225 20.82 23.86 2.94
N PRO B 226 20.06 24.96 2.76
CA PRO B 226 18.70 24.96 3.27
C PRO B 226 17.79 24.24 2.29
N ILE B 227 16.70 23.67 2.81
CA ILE B 227 15.74 22.93 1.99
C ILE B 227 14.45 23.71 1.77
N HIS B 228 13.87 23.53 0.59
CA HIS B 228 12.61 24.14 0.28
C HIS B 228 11.73 23.01 -0.22
N LEU B 229 10.89 22.50 0.67
CA LEU B 229 9.98 21.41 0.31
C LEU B 229 8.68 21.99 -0.24
N SER B 230 8.51 21.92 -1.56
CA SER B 230 7.28 22.40 -2.16
C SER B 230 6.42 21.15 -2.27
N PHE B 231 5.48 21.00 -1.33
CA PHE B 231 4.62 19.84 -1.33
C PHE B 231 3.28 20.08 -1.99
N ASP B 232 2.96 19.23 -2.95
CA ASP B 232 1.72 19.34 -3.69
C ASP B 232 0.75 18.26 -3.28
N VAL B 233 -0.12 18.58 -2.34
CA VAL B 233 -1.14 17.68 -1.82
C VAL B 233 -1.61 16.63 -2.82
N ASP B 234 -1.50 16.90 -4.12
CA ASP B 234 -1.92 15.92 -5.12
C ASP B 234 -0.92 14.77 -5.37
N GLY B 235 0.32 14.91 -4.94
CA GLY B 235 1.31 13.86 -5.13
C GLY B 235 1.06 12.59 -4.30
N LEU B 236 0.01 12.61 -3.49
CA LEU B 236 -0.34 11.45 -2.71
C LEU B 236 -1.38 10.77 -3.57
N ASP B 237 -1.79 9.56 -3.22
CA ASP B 237 -2.80 8.91 -4.04
C ASP B 237 -4.17 9.57 -3.84
N PRO B 238 -5.04 9.56 -4.88
CA PRO B 238 -6.35 10.20 -4.72
C PRO B 238 -7.20 9.70 -3.55
N VAL B 239 -6.95 8.47 -3.10
CA VAL B 239 -7.71 7.92 -1.98
C VAL B 239 -7.41 8.69 -0.68
N PHE B 240 -6.22 9.28 -0.62
CA PHE B 240 -5.76 10.01 0.55
C PHE B 240 -6.05 11.50 0.52
N THR B 241 -5.82 12.13 -0.62
CA THR B 241 -6.03 13.57 -0.75
C THR B 241 -6.94 13.85 -1.93
N PRO B 242 -8.17 13.32 -1.88
CA PRO B 242 -9.13 13.51 -2.96
C PRO B 242 -9.51 14.94 -3.39
N ALA B 243 -9.61 15.87 -2.44
CA ALA B 243 -9.98 17.25 -2.77
C ALA B 243 -8.86 18.03 -3.48
N THR B 244 -8.67 17.76 -4.77
CA THR B 244 -7.63 18.43 -5.58
C THR B 244 -8.12 18.79 -6.99
N GLY B 245 -7.23 19.45 -7.74
CA GLY B 245 -7.54 19.82 -9.11
C GLY B 245 -7.35 18.57 -9.95
N THR B 246 -6.10 18.15 -10.12
CA THR B 246 -5.84 16.94 -10.91
C THR B 246 -5.52 15.71 -10.09
N PRO B 247 -6.41 14.70 -10.07
CA PRO B 247 -5.99 13.55 -9.27
C PRO B 247 -5.29 12.60 -10.29
N VAL B 248 -4.38 11.76 -9.82
CA VAL B 248 -3.68 10.81 -10.69
C VAL B 248 -3.46 9.50 -9.89
N VAL B 249 -4.19 8.45 -10.21
CA VAL B 249 -4.07 7.20 -9.46
C VAL B 249 -2.65 6.67 -9.36
N GLY B 250 -2.42 5.81 -8.37
CA GLY B 250 -1.10 5.23 -8.21
C GLY B 250 0.01 6.17 -7.76
N GLY B 251 -0.28 6.94 -6.72
CA GLY B 251 0.68 7.87 -6.16
C GLY B 251 1.06 7.56 -4.72
N LEU B 252 1.87 8.45 -4.15
CA LEU B 252 2.37 8.34 -2.80
C LEU B 252 1.31 8.02 -1.76
N SER B 253 1.66 7.16 -0.82
CA SER B 253 0.71 6.81 0.22
C SER B 253 0.82 7.81 1.36
N TYR B 254 -0.21 7.89 2.20
CA TYR B 254 -0.19 8.78 3.35
C TYR B 254 1.14 8.46 4.01
N ARG B 255 1.32 7.18 4.38
CA ARG B 255 2.55 6.70 5.00
C ARG B 255 3.81 7.20 4.29
N GLU B 256 3.95 6.88 3.01
CA GLU B 256 5.10 7.34 2.25
C GLU B 256 5.26 8.86 2.31
N GLY B 257 4.13 9.57 2.28
CA GLY B 257 4.18 11.02 2.32
C GLY B 257 4.60 11.53 3.68
N LEU B 258 4.14 10.84 4.71
CA LEU B 258 4.49 11.21 6.05
C LEU B 258 5.93 10.77 6.25
N TYR B 259 6.38 9.78 5.52
CA TYR B 259 7.76 9.38 5.71
C TYR B 259 8.69 10.46 5.17
N ILE B 260 8.32 11.05 4.04
CA ILE B 260 9.11 12.11 3.44
C ILE B 260 9.27 13.28 4.42
N THR B 261 8.19 14.01 4.69
CA THR B 261 8.26 15.14 5.62
C THR B 261 9.02 14.75 6.90
N GLU B 262 8.91 13.48 7.29
CA GLU B 262 9.60 12.98 8.48
C GLU B 262 11.12 12.96 8.34
N GLU B 263 11.62 12.44 7.23
CA GLU B 263 13.07 12.42 6.99
C GLU B 263 13.57 13.83 6.70
N ILE B 264 12.66 14.69 6.20
CA ILE B 264 12.99 16.07 5.91
C ILE B 264 13.29 16.76 7.24
N TYR B 265 12.35 16.61 8.17
CA TYR B 265 12.46 17.20 9.48
C TYR B 265 13.74 16.73 10.19
N LYS B 266 13.95 15.42 10.21
CA LYS B 266 15.12 14.81 10.85
C LYS B 266 16.48 15.32 10.35
N THR B 267 16.47 16.28 9.43
CA THR B 267 17.72 16.82 8.90
C THR B 267 17.89 18.28 9.30
N GLY B 268 16.90 18.79 10.03
CA GLY B 268 16.93 20.17 10.49
C GLY B 268 17.22 21.21 9.43
N LEU B 269 17.22 20.82 8.16
CA LEU B 269 17.51 21.78 7.11
C LEU B 269 16.31 22.38 6.41
N LEU B 270 15.13 22.31 7.04
CA LEU B 270 13.92 22.86 6.43
C LEU B 270 13.92 24.37 6.53
N SER B 271 13.69 25.03 5.41
CA SER B 271 13.67 26.48 5.41
C SER B 271 12.35 27.03 4.87
N GLY B 272 11.89 26.44 3.77
CA GLY B 272 10.63 26.87 3.16
C GLY B 272 9.75 25.69 2.84
N LEU B 273 8.47 25.80 3.17
CA LEU B 273 7.51 24.72 2.94
C LEU B 273 6.29 25.16 2.13
N ASP B 274 5.89 24.33 1.18
CA ASP B 274 4.72 24.63 0.37
C ASP B 274 3.66 23.52 0.43
N ILE B 275 2.45 23.91 0.82
CA ILE B 275 1.33 22.99 0.91
C ILE B 275 0.30 23.55 -0.07
N MET B 276 0.45 23.13 -1.33
CA MET B 276 -0.37 23.58 -2.45
C MET B 276 -1.37 22.56 -2.94
N GLU B 277 -2.22 23.04 -3.88
CA GLU B 277 -3.26 22.28 -4.60
C GLU B 277 -4.46 21.71 -3.84
N VAL B 278 -4.76 22.26 -2.67
CA VAL B 278 -5.89 21.75 -1.92
C VAL B 278 -7.14 22.52 -2.33
N ASN B 279 -8.13 21.82 -2.86
CA ASN B 279 -9.38 22.48 -3.31
C ASN B 279 -10.59 22.09 -2.48
N PRO B 280 -10.77 22.69 -1.28
CA PRO B 280 -11.87 22.45 -0.33
C PRO B 280 -13.28 22.35 -0.93
N THR B 281 -13.35 22.46 -2.24
CA THR B 281 -14.61 22.38 -2.95
C THR B 281 -14.66 21.15 -3.84
N LEU B 282 -13.50 20.71 -4.30
CA LEU B 282 -13.44 19.54 -5.15
C LEU B 282 -13.51 18.27 -4.33
N GLY B 283 -14.60 18.11 -3.60
CA GLY B 283 -14.79 16.91 -2.79
C GLY B 283 -16.04 16.16 -3.22
N LYS B 284 -15.88 14.89 -3.61
CA LYS B 284 -16.99 14.04 -4.03
C LYS B 284 -17.99 14.00 -2.88
N THR B 285 -17.43 13.98 -1.66
CA THR B 285 -18.20 13.96 -0.43
C THR B 285 -17.43 14.76 0.62
N PRO B 286 -18.15 15.37 1.56
CA PRO B 286 -17.57 16.17 2.64
C PRO B 286 -16.37 15.51 3.33
N GLU B 287 -16.45 14.20 3.55
CA GLU B 287 -15.35 13.47 4.18
C GLU B 287 -14.07 13.65 3.34
N GLU B 288 -14.14 13.27 2.07
CA GLU B 288 -13.02 13.39 1.14
C GLU B 288 -12.25 14.68 1.36
N VAL B 289 -12.99 15.78 1.50
CA VAL B 289 -12.36 17.08 1.75
C VAL B 289 -11.66 16.92 3.10
N THR B 290 -12.45 16.84 4.17
CA THR B 290 -11.91 16.68 5.52
C THR B 290 -10.65 15.80 5.50
N ARG B 291 -10.76 14.67 4.83
CA ARG B 291 -9.64 13.73 4.70
C ARG B 291 -8.46 14.54 4.19
N THR B 292 -8.62 15.02 2.96
CA THR B 292 -7.63 15.81 2.28
C THR B 292 -7.05 16.89 3.17
N VAL B 293 -7.91 17.54 3.94
CA VAL B 293 -7.51 18.60 4.83
C VAL B 293 -6.61 18.18 5.97
N ASN B 294 -7.02 17.18 6.74
CA ASN B 294 -6.18 16.75 7.87
C ASN B 294 -4.85 16.17 7.41
N THR B 295 -4.90 15.23 6.46
CA THR B 295 -3.68 14.62 5.94
C THR B 295 -2.69 15.72 5.52
N ALA B 296 -3.22 16.79 4.93
CA ALA B 296 -2.40 17.90 4.54
C ALA B 296 -1.82 18.49 5.83
N VAL B 297 -2.72 18.90 6.72
CA VAL B 297 -2.38 19.45 8.03
C VAL B 297 -1.32 18.58 8.69
N ALA B 298 -1.61 17.28 8.71
CA ALA B 298 -0.73 16.32 9.31
C ALA B 298 0.65 16.40 8.67
N LEU B 299 0.68 16.49 7.34
CA LEU B 299 1.97 16.57 6.65
C LEU B 299 2.78 17.79 7.08
N THR B 300 2.12 18.85 7.53
CA THR B 300 2.85 20.04 7.95
C THR B 300 3.54 19.77 9.27
N LEU B 301 2.73 19.53 10.29
CA LEU B 301 3.21 19.22 11.63
C LEU B 301 4.27 18.13 11.60
N SER B 302 4.40 17.47 10.45
CA SER B 302 5.38 16.41 10.30
C SER B 302 6.73 17.08 10.10
N CYS B 303 6.77 17.99 9.14
CA CYS B 303 7.96 18.76 8.80
C CYS B 303 8.46 19.56 10.00
N PHE B 304 7.63 19.65 11.03
CA PHE B 304 7.97 20.43 12.21
C PHE B 304 8.10 19.67 13.51
N GLY B 305 8.56 18.42 13.45
CA GLY B 305 8.73 17.68 14.69
C GLY B 305 7.99 16.38 14.85
N THR B 306 6.66 16.46 14.98
CA THR B 306 5.84 15.27 15.17
C THR B 306 6.40 14.08 14.40
N LYS B 307 6.58 12.99 15.14
CA LYS B 307 7.12 11.74 14.62
C LYS B 307 6.03 10.70 14.82
N ARG B 308 6.06 9.62 14.06
CA ARG B 308 5.01 8.62 14.23
C ARG B 308 5.34 7.65 15.36
N GLU B 309 6.37 7.99 16.12
CA GLU B 309 6.76 7.17 17.25
C GLU B 309 6.46 7.91 18.53
N GLY B 310 6.12 9.19 18.41
CA GLY B 310 5.81 9.99 19.58
C GLY B 310 6.68 11.22 19.76
N ASN B 311 6.33 12.03 20.75
CA ASN B 311 7.04 13.26 21.09
C ASN B 311 6.75 13.55 22.57
N HIS B 312 7.77 13.99 23.31
CA HIS B 312 7.62 14.32 24.74
C HIS B 312 8.54 15.48 25.11
N LYS B 313 7.97 16.51 25.72
CA LYS B 313 8.76 17.69 26.13
C LYS B 313 9.97 17.23 26.94
N PRO B 314 11.18 17.57 26.48
CA PRO B 314 12.42 17.19 27.18
C PRO B 314 12.56 17.81 28.56
N GLU B 315 13.50 17.26 29.33
CA GLU B 315 13.80 17.72 30.67
C GLU B 315 12.66 17.58 31.66
N THR B 316 11.58 16.92 31.23
CA THR B 316 10.45 16.71 32.12
C THR B 316 10.41 15.22 32.42
N ASP B 317 10.27 14.89 33.70
CA ASP B 317 10.19 13.50 34.14
C ASP B 317 8.71 13.15 34.22
N TYR B 318 8.25 12.40 33.21
CA TYR B 318 6.86 11.96 33.10
C TYR B 318 6.61 10.80 34.06
N LEU B 319 7.59 10.53 34.91
CA LEU B 319 7.50 9.47 35.91
C LEU B 319 7.22 10.05 37.30
N LYS C 6 1.56 -30.54 17.18
CA LYS C 6 1.39 -29.60 18.35
C LYS C 6 -0.10 -29.38 18.71
N PRO C 7 -0.36 -28.90 19.94
CA PRO C 7 -1.73 -28.65 20.40
C PRO C 7 -2.07 -27.18 20.54
N ILE C 8 -3.33 -26.85 20.32
CA ILE C 8 -3.82 -25.48 20.43
C ILE C 8 -5.02 -25.43 21.33
N GLU C 9 -5.01 -24.52 22.31
CA GLU C 9 -6.20 -24.37 23.13
C GLU C 9 -6.59 -22.90 23.03
N ILE C 10 -7.87 -22.67 22.73
CA ILE C 10 -8.38 -21.31 22.58
C ILE C 10 -9.12 -20.86 23.83
N ILE C 11 -8.79 -19.65 24.29
CA ILE C 11 -9.42 -19.07 25.47
C ILE C 11 -10.15 -17.81 25.04
N GLY C 12 -11.39 -17.68 25.47
CA GLY C 12 -12.16 -16.50 25.13
C GLY C 12 -12.12 -15.57 26.32
N ALA C 13 -11.75 -14.30 26.10
CA ALA C 13 -11.68 -13.32 27.17
C ALA C 13 -12.72 -12.23 27.01
N PRO C 14 -13.98 -12.60 26.73
CA PRO C 14 -15.04 -11.59 26.56
C PRO C 14 -15.05 -10.57 27.68
N PHE C 15 -14.24 -9.53 27.55
CA PHE C 15 -14.14 -8.48 28.56
C PHE C 15 -14.14 -7.09 27.90
N SER C 16 -14.27 -6.03 28.68
CA SER C 16 -14.28 -4.71 28.07
C SER C 16 -14.09 -3.53 29.02
N LYS C 17 -14.03 -3.79 30.32
CA LYS C 17 -13.86 -2.70 31.28
C LYS C 17 -12.53 -1.97 31.14
N GLY C 18 -11.61 -2.57 30.38
CA GLY C 18 -10.33 -1.92 30.19
C GLY C 18 -10.53 -0.58 29.50
N GLN C 19 -11.70 -0.39 28.90
CA GLN C 19 -12.05 0.85 28.18
C GLN C 19 -13.56 1.06 28.10
N PRO C 20 -14.00 2.28 27.72
CA PRO C 20 -15.41 2.71 27.58
C PRO C 20 -16.31 2.06 26.53
N ARG C 21 -15.92 2.14 25.26
CA ARG C 21 -16.71 1.58 24.17
C ARG C 21 -17.06 0.10 24.38
N GLY C 22 -18.36 -0.20 24.38
CA GLY C 22 -18.80 -1.57 24.59
C GLY C 22 -18.96 -2.44 23.36
N GLY C 23 -18.66 -3.72 23.51
CA GLY C 23 -18.78 -4.64 22.40
C GLY C 23 -17.61 -5.59 22.35
N VAL C 24 -16.42 -5.08 22.68
CA VAL C 24 -15.19 -5.89 22.67
C VAL C 24 -15.29 -7.28 23.30
N GLU C 25 -16.23 -7.46 24.23
CA GLU C 25 -16.38 -8.77 24.86
C GLU C 25 -17.09 -9.69 23.88
N LYS C 26 -17.76 -9.08 22.89
CA LYS C 26 -18.44 -9.86 21.87
C LYS C 26 -17.36 -10.35 20.91
N GLY C 27 -16.13 -9.94 21.17
CA GLY C 27 -15.00 -10.34 20.33
C GLY C 27 -14.95 -11.82 20.05
N PRO C 28 -14.64 -12.66 21.05
CA PRO C 28 -14.57 -14.11 20.84
C PRO C 28 -15.89 -14.70 20.32
N ALA C 29 -16.97 -13.96 20.53
CA ALA C 29 -18.29 -14.38 20.09
C ALA C 29 -18.40 -14.32 18.56
N ALA C 30 -17.78 -13.30 17.98
CA ALA C 30 -17.81 -13.13 16.53
C ALA C 30 -16.75 -14.01 15.88
N LEU C 31 -15.59 -14.07 16.52
CA LEU C 31 -14.49 -14.86 16.00
C LEU C 31 -14.83 -16.33 15.85
N ARG C 32 -15.49 -16.91 16.84
CA ARG C 32 -15.85 -18.32 16.73
C ARG C 32 -16.89 -18.45 15.62
N LYS C 33 -17.81 -17.49 15.58
CA LYS C 33 -18.88 -17.46 14.60
C LYS C 33 -18.29 -17.36 13.19
N ALA C 34 -17.08 -16.79 13.09
CA ALA C 34 -16.43 -16.69 11.78
C ALA C 34 -15.75 -18.03 11.52
N GLY C 35 -16.06 -19.00 12.38
CA GLY C 35 -15.53 -20.34 12.25
C GLY C 35 -14.07 -20.50 12.59
N LEU C 36 -13.54 -19.61 13.41
CA LEU C 36 -12.13 -19.68 13.77
C LEU C 36 -11.69 -21.05 14.26
N VAL C 37 -12.52 -21.69 15.08
CA VAL C 37 -12.16 -23.00 15.62
C VAL C 37 -11.89 -24.05 14.53
N GLU C 38 -12.90 -24.36 13.73
CA GLU C 38 -12.78 -25.35 12.66
C GLU C 38 -11.60 -25.13 11.72
N LYS C 39 -11.50 -23.94 11.14
CA LYS C 39 -10.41 -23.64 10.22
C LYS C 39 -9.10 -23.99 10.90
N LEU C 40 -8.99 -23.65 12.17
CA LEU C 40 -7.77 -23.95 12.91
C LEU C 40 -7.52 -25.46 12.88
N LYS C 41 -8.59 -26.23 13.05
CA LYS C 41 -8.47 -27.69 13.06
C LYS C 41 -7.89 -28.18 11.73
N GLU C 42 -8.18 -27.44 10.66
CA GLU C 42 -7.70 -27.79 9.34
C GLU C 42 -6.19 -27.80 9.22
N THR C 43 -5.49 -27.39 10.27
CA THR C 43 -4.03 -27.39 10.22
C THR C 43 -3.44 -28.67 10.79
N GLU C 44 -2.14 -28.64 11.04
CA GLU C 44 -1.40 -29.76 11.60
C GLU C 44 -1.46 -29.72 13.14
N TYR C 45 -2.21 -28.75 13.67
CA TYR C 45 -2.36 -28.56 15.11
C TYR C 45 -3.71 -29.10 15.60
N ASN C 46 -3.71 -29.66 16.82
CA ASN C 46 -4.93 -30.17 17.42
C ASN C 46 -5.47 -28.98 18.17
N VAL C 47 -6.77 -28.73 18.06
CA VAL C 47 -7.33 -27.58 18.73
C VAL C 47 -8.41 -27.91 19.75
N ARG C 48 -8.30 -27.28 20.92
CA ARG C 48 -9.27 -27.46 21.98
C ARG C 48 -9.79 -26.09 22.34
N ASP C 49 -11.11 -25.93 22.25
CA ASP C 49 -11.74 -24.66 22.58
C ASP C 49 -12.10 -24.76 24.07
N HIS C 50 -11.58 -23.82 24.86
CA HIS C 50 -11.78 -23.78 26.31
C HIS C 50 -13.07 -23.01 26.68
N GLY C 51 -13.65 -22.30 25.72
CA GLY C 51 -14.85 -21.56 25.99
C GLY C 51 -14.52 -20.16 26.46
N ASP C 52 -15.52 -19.46 26.99
CA ASP C 52 -15.33 -18.09 27.47
C ASP C 52 -15.29 -17.91 28.97
N LEU C 53 -14.11 -17.61 29.48
CA LEU C 53 -13.96 -17.36 30.91
C LEU C 53 -15.01 -16.33 31.34
N ALA C 54 -16.08 -16.80 32.00
CA ALA C 54 -17.11 -15.89 32.49
C ALA C 54 -16.44 -15.07 33.58
N PHE C 55 -16.64 -13.77 33.57
CA PHE C 55 -16.01 -12.93 34.57
C PHE C 55 -16.96 -12.32 35.57
N VAL C 56 -16.82 -12.74 36.83
CA VAL C 56 -17.63 -12.26 37.93
C VAL C 56 -17.39 -10.75 38.09
N ASP C 57 -18.46 -9.98 38.18
CA ASP C 57 -18.30 -8.53 38.29
C ASP C 57 -18.09 -8.00 39.70
N VAL C 58 -17.06 -7.16 39.85
CA VAL C 58 -16.70 -6.56 41.13
C VAL C 58 -17.64 -5.42 41.52
N PRO C 59 -18.61 -5.71 42.41
CA PRO C 59 -19.57 -4.70 42.86
C PRO C 59 -18.86 -3.50 43.46
N ASN C 60 -19.33 -2.32 43.11
CA ASN C 60 -18.73 -1.09 43.59
C ASN C 60 -17.21 -1.09 43.38
N ASP C 61 -16.81 -0.89 42.13
CA ASP C 61 -15.40 -0.83 41.76
C ASP C 61 -15.08 0.66 41.71
N SER C 62 -14.16 1.10 42.57
CA SER C 62 -13.81 2.53 42.65
C SER C 62 -12.64 2.97 41.75
N PRO C 63 -12.78 4.17 41.15
CA PRO C 63 -11.78 4.76 40.25
C PRO C 63 -10.46 5.23 40.90
N PHE C 64 -9.54 4.29 41.12
CA PHE C 64 -8.23 4.58 41.72
C PHE C 64 -7.61 5.86 41.14
N GLN C 65 -8.01 7.01 41.70
CA GLN C 65 -7.52 8.32 41.24
C GLN C 65 -8.17 8.68 39.90
N ILE C 66 -7.56 8.20 38.81
CA ILE C 66 -8.04 8.42 37.44
C ILE C 66 -8.44 7.07 36.85
N VAL C 67 -7.63 6.04 37.14
CA VAL C 67 -7.86 4.68 36.67
C VAL C 67 -9.24 4.16 37.05
N LYS C 68 -9.97 3.64 36.07
CA LYS C 68 -11.32 3.15 36.32
C LYS C 68 -11.39 1.65 36.35
N ASN C 69 -12.56 1.15 36.74
CA ASN C 69 -12.85 -0.30 36.84
C ASN C 69 -11.61 -1.15 37.15
N PRO C 70 -10.79 -0.72 38.12
CA PRO C 70 -9.56 -1.42 38.51
C PRO C 70 -9.73 -2.85 39.00
N ARG C 71 -10.47 -3.02 40.09
CA ARG C 71 -10.70 -4.34 40.66
C ARG C 71 -11.21 -5.31 39.59
N SER C 72 -12.07 -4.80 38.72
CA SER C 72 -12.62 -5.62 37.62
C SER C 72 -11.45 -6.22 36.82
N VAL C 73 -10.68 -5.33 36.19
CA VAL C 73 -9.53 -5.70 35.36
C VAL C 73 -8.44 -6.45 36.13
N GLY C 74 -8.45 -6.32 37.45
CA GLY C 74 -7.46 -7.02 38.24
C GLY C 74 -7.84 -8.47 38.45
N LYS C 75 -9.13 -8.71 38.70
CA LYS C 75 -9.60 -10.07 38.93
C LYS C 75 -9.86 -10.82 37.63
N ALA C 76 -10.27 -10.09 36.60
CA ALA C 76 -10.55 -10.69 35.29
C ALA C 76 -9.24 -11.18 34.70
N ASN C 77 -8.19 -10.39 34.87
CA ASN C 77 -6.85 -10.71 34.36
C ASN C 77 -6.16 -11.72 35.24
N GLU C 78 -6.60 -11.83 36.50
CA GLU C 78 -6.04 -12.81 37.43
C GLU C 78 -6.56 -14.18 37.03
N GLN C 79 -7.85 -14.24 36.74
CA GLN C 79 -8.49 -15.48 36.33
C GLN C 79 -7.87 -16.01 35.04
N LEU C 80 -7.53 -15.10 34.13
CA LEU C 80 -6.95 -15.46 32.84
C LEU C 80 -5.53 -15.99 32.92
N ALA C 81 -4.62 -15.18 33.44
CA ALA C 81 -3.22 -15.60 33.57
C ALA C 81 -3.20 -17.06 34.01
N ALA C 82 -4.01 -17.35 35.03
CA ALA C 82 -4.14 -18.69 35.59
C ALA C 82 -4.36 -19.73 34.49
N VAL C 83 -5.49 -19.63 33.77
CA VAL C 83 -5.78 -20.59 32.71
C VAL C 83 -4.63 -20.71 31.73
N VAL C 84 -4.02 -19.58 31.39
CA VAL C 84 -2.90 -19.55 30.45
C VAL C 84 -1.71 -20.39 30.94
N ALA C 85 -1.28 -20.16 32.17
CA ALA C 85 -0.17 -20.90 32.73
C ALA C 85 -0.61 -22.36 32.78
N GLU C 86 -1.91 -22.54 32.99
CA GLU C 86 -2.55 -23.85 33.09
C GLU C 86 -2.36 -24.70 31.84
N THR C 87 -2.54 -24.07 30.69
CA THR C 87 -2.39 -24.73 29.41
C THR C 87 -0.92 -24.82 29.11
N GLN C 88 -0.25 -23.66 29.17
CA GLN C 88 1.18 -23.57 28.92
C GLN C 88 2.00 -24.73 29.51
N LYS C 89 1.57 -25.20 30.68
CA LYS C 89 2.23 -26.30 31.38
C LYS C 89 1.99 -27.63 30.66
N ASN C 90 0.77 -27.80 30.15
CA ASN C 90 0.40 -29.01 29.42
C ASN C 90 1.17 -29.07 28.11
N GLY C 91 1.77 -27.94 27.75
CA GLY C 91 2.55 -27.85 26.53
C GLY C 91 1.84 -27.28 25.31
N THR C 92 0.53 -27.02 25.41
CA THR C 92 -0.20 -26.48 24.26
C THR C 92 -0.01 -24.98 24.09
N ILE C 93 -0.28 -24.50 22.87
CA ILE C 93 -0.15 -23.07 22.54
C ILE C 93 -1.44 -22.34 22.91
N SER C 94 -1.29 -21.28 23.69
CA SER C 94 -2.43 -20.49 24.13
C SER C 94 -2.79 -19.41 23.11
N VAL C 95 -4.07 -19.32 22.77
CA VAL C 95 -4.54 -18.32 21.81
C VAL C 95 -5.76 -17.60 22.39
N VAL C 96 -5.50 -16.42 22.93
CA VAL C 96 -6.52 -15.60 23.58
C VAL C 96 -7.36 -14.68 22.71
N LEU C 97 -8.56 -15.13 22.37
CA LEU C 97 -9.48 -14.29 21.61
C LEU C 97 -9.84 -13.27 22.69
N GLY C 98 -9.97 -12.00 22.33
CA GLY C 98 -10.27 -11.07 23.39
C GLY C 98 -11.26 -9.93 23.25
N GLY C 99 -11.23 -9.12 24.30
CA GLY C 99 -12.06 -7.95 24.43
C GLY C 99 -10.93 -6.95 24.45
N ASP C 100 -11.02 -5.88 25.22
CA ASP C 100 -9.95 -4.90 25.24
C ASP C 100 -8.57 -5.53 25.50
N HIS C 101 -7.54 -4.82 25.07
CA HIS C 101 -6.15 -5.26 25.17
C HIS C 101 -5.57 -5.32 26.58
N SER C 102 -6.38 -5.10 27.59
CA SER C 102 -5.87 -5.14 28.96
C SER C 102 -5.85 -6.58 29.48
N MET C 103 -6.31 -7.50 28.64
CA MET C 103 -6.30 -8.91 29.03
C MET C 103 -4.94 -9.44 28.66
N ALA C 104 -4.07 -8.52 28.25
CA ALA C 104 -2.70 -8.87 27.88
C ALA C 104 -1.90 -9.21 29.15
N ILE C 105 -2.11 -8.43 30.22
CA ILE C 105 -1.43 -8.73 31.48
C ILE C 105 -1.76 -10.18 31.82
N GLY C 106 -3.05 -10.48 31.95
CA GLY C 106 -3.47 -11.84 32.25
C GLY C 106 -2.70 -12.82 31.38
N SER C 107 -3.00 -12.82 30.08
CA SER C 107 -2.35 -13.73 29.14
C SER C 107 -0.83 -13.81 29.32
N ILE C 108 -0.16 -12.67 29.16
CA ILE C 108 1.28 -12.60 29.29
C ILE C 108 1.78 -13.17 30.61
N SER C 109 1.19 -12.73 31.72
CA SER C 109 1.59 -13.24 33.04
C SER C 109 1.48 -14.75 33.05
N GLY C 110 0.27 -15.26 32.83
CA GLY C 110 0.05 -16.68 32.81
C GLY C 110 1.13 -17.39 32.01
N HIS C 111 1.49 -16.80 30.88
CA HIS C 111 2.51 -17.39 30.01
C HIS C 111 3.90 -17.46 30.67
N ALA C 112 4.34 -16.34 31.25
CA ALA C 112 5.65 -16.22 31.90
C ALA C 112 5.85 -17.21 33.05
N ARG C 113 4.76 -17.68 33.63
CA ARG C 113 4.81 -18.62 34.72
C ARG C 113 5.47 -19.93 34.26
N VAL C 114 5.10 -20.39 33.07
CA VAL C 114 5.65 -21.63 32.54
C VAL C 114 6.91 -21.40 31.70
N HIS C 115 7.01 -20.23 31.08
CA HIS C 115 8.18 -19.87 30.26
C HIS C 115 8.58 -18.43 30.56
N PRO C 116 9.32 -18.22 31.65
CA PRO C 116 9.79 -16.91 32.10
C PRO C 116 10.91 -16.33 31.24
N ASP C 117 11.29 -17.04 30.19
CA ASP C 117 12.34 -16.58 29.30
C ASP C 117 11.80 -16.04 27.98
N LEU C 118 10.47 -15.99 27.87
CA LEU C 118 9.80 -15.50 26.66
C LEU C 118 10.08 -14.04 26.31
N CYS C 119 9.84 -13.71 25.04
CA CYS C 119 9.99 -12.35 24.55
C CYS C 119 8.57 -11.99 24.20
N VAL C 120 8.38 -10.82 23.61
CA VAL C 120 7.04 -10.40 23.26
C VAL C 120 7.01 -9.47 22.06
N ILE C 121 6.23 -9.85 21.05
CA ILE C 121 6.07 -9.02 19.85
C ILE C 121 4.70 -8.34 20.01
N TRP C 122 4.72 -7.02 20.08
CA TRP C 122 3.49 -6.27 20.29
C TRP C 122 3.04 -5.45 19.07
N VAL C 123 2.14 -6.03 18.29
CA VAL C 123 1.60 -5.35 17.11
C VAL C 123 0.31 -4.62 17.56
N ASP C 124 0.43 -3.30 17.70
CA ASP C 124 -0.65 -2.44 18.17
C ASP C 124 -0.30 -1.10 17.55
N ALA C 125 -1.29 -0.22 17.40
CA ALA C 125 -1.02 1.11 16.87
C ALA C 125 -0.37 1.88 18.02
N HIS C 126 -0.80 1.53 19.23
CA HIS C 126 -0.36 2.14 20.46
C HIS C 126 0.63 1.29 21.26
N THR C 127 1.44 1.98 22.06
CA THR C 127 2.42 1.34 22.94
C THR C 127 1.62 0.79 24.13
N ASP C 128 0.64 1.57 24.58
CA ASP C 128 -0.21 1.19 25.71
C ASP C 128 0.67 1.01 26.96
N ILE C 129 1.83 1.68 26.96
CA ILE C 129 2.82 1.63 28.04
C ILE C 129 2.67 2.75 29.08
N ASN C 130 1.46 3.32 29.16
CA ASN C 130 1.18 4.39 30.11
C ASN C 130 0.90 3.81 31.49
N THR C 131 1.15 4.62 32.51
CA THR C 131 0.94 4.23 33.89
C THR C 131 -0.23 5.02 34.46
N PRO C 132 -0.72 4.61 35.64
CA PRO C 132 -1.84 5.26 36.34
C PRO C 132 -1.55 6.75 36.53
N LEU C 133 -0.26 7.08 36.41
CA LEU C 133 0.26 8.43 36.57
C LEU C 133 0.14 9.20 35.27
N THR C 134 0.57 8.55 34.19
CA THR C 134 0.57 9.13 32.84
C THR C 134 -0.82 9.22 32.19
N THR C 135 -1.44 8.08 31.95
CA THR C 135 -2.76 8.02 31.32
C THR C 135 -3.67 9.21 31.59
N SER C 136 -4.30 9.71 30.53
CA SER C 136 -5.24 10.81 30.61
C SER C 136 -6.58 10.10 30.61
N SER C 137 -6.58 8.88 31.14
CA SER C 137 -7.77 8.07 31.22
C SER C 137 -7.43 6.85 32.06
N GLY C 138 -8.42 6.35 32.81
CA GLY C 138 -8.20 5.21 33.66
C GLY C 138 -8.38 3.90 32.92
N ASN C 139 -8.39 4.01 31.59
CA ASN C 139 -8.56 2.89 30.69
C ASN C 139 -7.29 2.04 30.70
N LEU C 140 -7.27 1.06 31.60
CA LEU C 140 -6.14 0.17 31.73
C LEU C 140 -5.75 -0.59 30.47
N HIS C 141 -6.56 -0.49 29.41
CA HIS C 141 -6.23 -1.17 28.15
C HIS C 141 -5.07 -0.42 27.50
N GLY C 142 -4.65 0.66 28.16
CA GLY C 142 -3.56 1.47 27.67
C GLY C 142 -2.40 1.53 28.66
N GLN C 143 -2.27 0.46 29.45
CA GLN C 143 -1.24 0.31 30.47
C GLN C 143 -0.62 -1.10 30.60
N PRO C 144 -1.28 -2.13 30.04
CA PRO C 144 -0.80 -3.52 30.11
C PRO C 144 0.69 -3.79 30.23
N VAL C 145 1.51 -3.02 29.52
CA VAL C 145 2.95 -3.25 29.57
C VAL C 145 3.54 -2.73 30.88
N ALA C 146 2.97 -1.63 31.36
CA ALA C 146 3.42 -1.01 32.61
C ALA C 146 3.25 -1.93 33.82
N PHE C 147 2.40 -2.94 33.68
CA PHE C 147 2.18 -3.91 34.76
C PHE C 147 3.09 -5.10 34.61
N LEU C 148 3.44 -5.40 33.38
CA LEU C 148 4.28 -6.54 33.07
C LEU C 148 5.76 -6.19 33.14
N LEU C 149 6.06 -4.91 32.98
CA LEU C 149 7.44 -4.46 33.02
C LEU C 149 7.99 -4.36 34.43
N LYS C 150 9.24 -4.78 34.57
CA LYS C 150 9.95 -4.73 35.85
C LYS C 150 10.49 -3.31 36.04
N GLU C 151 11.11 -2.77 35.00
CA GLU C 151 11.68 -1.42 35.03
C GLU C 151 10.62 -0.38 35.35
N LEU C 152 9.39 -0.82 35.54
CA LEU C 152 8.30 0.09 35.84
C LEU C 152 7.67 -0.22 37.19
N LYS C 153 8.12 -1.31 37.80
CA LYS C 153 7.60 -1.71 39.10
C LYS C 153 7.92 -0.62 40.12
N GLY C 154 6.99 -0.39 41.05
CA GLY C 154 7.20 0.63 42.05
C GLY C 154 7.43 1.99 41.43
N LYS C 155 6.99 2.15 40.20
CA LYS C 155 7.13 3.43 39.51
C LYS C 155 5.77 4.12 39.50
N PHE C 156 4.83 3.49 40.21
CA PHE C 156 3.47 3.99 40.35
C PHE C 156 2.73 3.28 41.50
N PRO C 157 1.73 3.96 42.10
CA PRO C 157 0.94 3.40 43.21
C PRO C 157 0.25 2.08 42.91
N ASP C 158 0.63 1.05 43.65
CA ASP C 158 0.05 -0.28 43.47
C ASP C 158 -1.45 -0.12 43.21
N VAL C 159 -1.93 -0.83 42.20
CA VAL C 159 -3.33 -0.71 41.83
C VAL C 159 -4.25 -1.78 42.39
N PRO C 160 -5.44 -1.37 42.87
CA PRO C 160 -6.51 -2.17 43.46
C PRO C 160 -7.03 -3.30 42.56
N GLY C 161 -6.43 -4.48 42.70
CA GLY C 161 -6.84 -5.62 41.92
C GLY C 161 -5.73 -6.33 41.18
N PHE C 162 -4.58 -5.67 41.08
CA PHE C 162 -3.47 -6.23 40.34
C PHE C 162 -2.31 -6.65 41.24
N SER C 163 -2.63 -6.89 42.50
CA SER C 163 -1.64 -7.32 43.48
C SER C 163 -0.89 -8.54 42.95
N TRP C 164 -1.66 -9.59 42.63
CA TRP C 164 -1.16 -10.87 42.10
C TRP C 164 -0.24 -10.70 40.88
N VAL C 165 -0.27 -9.52 40.27
CA VAL C 165 0.56 -9.24 39.10
C VAL C 165 2.01 -9.08 39.49
N THR C 166 2.89 -9.73 38.71
CA THR C 166 4.32 -9.68 38.95
C THR C 166 5.07 -9.23 37.71
N PRO C 167 5.67 -8.03 37.74
CA PRO C 167 6.42 -7.53 36.58
C PRO C 167 7.31 -8.67 36.10
N CYS C 168 6.97 -9.23 34.94
CA CYS C 168 7.70 -10.39 34.39
C CYS C 168 8.76 -10.21 33.30
N ILE C 169 8.78 -9.09 32.58
CA ILE C 169 9.81 -8.93 31.54
C ILE C 169 10.37 -7.52 31.47
N SER C 170 11.64 -7.43 31.10
CA SER C 170 12.31 -6.16 30.96
C SER C 170 12.11 -5.63 29.53
N ALA C 171 12.56 -4.42 29.27
CA ALA C 171 12.42 -3.82 27.94
C ALA C 171 13.33 -4.49 26.90
N LYS C 172 14.15 -5.42 27.37
CA LYS C 172 15.06 -6.11 26.49
C LYS C 172 14.44 -7.35 25.84
N ASP C 173 13.19 -7.65 26.24
CA ASP C 173 12.51 -8.81 25.69
C ASP C 173 11.21 -8.46 24.96
N ILE C 174 10.81 -7.19 25.02
CA ILE C 174 9.59 -6.71 24.36
C ILE C 174 9.89 -5.99 23.04
N VAL C 175 9.04 -6.18 22.04
CA VAL C 175 9.22 -5.52 20.73
C VAL C 175 7.86 -5.07 20.17
N TYR C 176 7.76 -3.76 19.91
CA TYR C 176 6.55 -3.14 19.37
C TYR C 176 6.62 -3.01 17.87
N ILE C 177 5.52 -3.32 17.18
CA ILE C 177 5.47 -3.17 15.72
C ILE C 177 4.12 -2.54 15.35
N GLY C 178 4.17 -1.44 14.61
CA GLY C 178 2.96 -0.77 14.17
C GLY C 178 2.59 0.50 14.91
N LEU C 179 3.46 0.96 15.80
CA LEU C 179 3.20 2.18 16.59
C LEU C 179 3.03 3.42 15.70
N ARG C 180 1.95 4.16 15.95
CA ARG C 180 1.67 5.34 15.16
C ARG C 180 0.84 6.33 15.94
N ASP C 181 0.46 5.98 17.17
CA ASP C 181 -0.31 6.91 18.01
C ASP C 181 0.16 6.79 19.47
N VAL C 182 1.34 7.35 19.74
CA VAL C 182 1.92 7.27 21.07
C VAL C 182 1.88 8.55 21.88
N ASP C 183 1.38 8.42 23.11
CA ASP C 183 1.27 9.54 24.05
C ASP C 183 2.61 10.02 24.58
N PRO C 184 2.70 11.31 24.96
CA PRO C 184 3.92 11.90 25.49
C PRO C 184 4.58 10.94 26.48
N GLY C 185 3.96 10.83 27.66
CA GLY C 185 4.47 9.97 28.72
C GLY C 185 5.01 8.67 28.16
N GLU C 186 4.23 8.03 27.31
CA GLU C 186 4.66 6.77 26.71
C GLU C 186 5.97 6.92 25.93
N HIS C 187 6.11 7.99 25.15
CA HIS C 187 7.34 8.18 24.38
C HIS C 187 8.52 8.25 25.34
N TYR C 188 8.32 9.00 26.42
CA TYR C 188 9.33 9.18 27.45
C TYR C 188 9.80 7.79 27.86
N ILE C 189 8.87 7.03 28.44
CA ILE C 189 9.10 5.69 28.91
C ILE C 189 9.85 4.79 27.93
N ILE C 190 9.36 4.64 26.70
CA ILE C 190 10.05 3.77 25.73
C ILE C 190 11.47 4.20 25.39
N LYS C 191 11.71 5.51 25.35
CA LYS C 191 13.04 6.03 25.05
C LYS C 191 13.94 5.77 26.25
N THR C 192 13.49 6.25 27.41
CA THR C 192 14.19 6.11 28.68
C THR C 192 14.56 4.68 28.97
N LEU C 193 13.56 3.82 29.06
CA LEU C 193 13.77 2.41 29.35
C LEU C 193 14.33 1.67 28.17
N GLY C 194 14.72 2.40 27.13
CA GLY C 194 15.28 1.75 25.96
C GLY C 194 14.51 0.51 25.52
N ILE C 195 13.38 0.73 24.85
CA ILE C 195 12.53 -0.35 24.35
C ILE C 195 12.63 -0.42 22.84
N LYS C 196 13.02 -1.58 22.32
CA LYS C 196 13.14 -1.76 20.87
C LYS C 196 11.74 -1.74 20.24
N TYR C 197 11.57 -0.86 19.25
CA TYR C 197 10.29 -0.69 18.57
C TYR C 197 10.47 -0.42 17.08
N PHE C 198 9.36 -0.33 16.37
CA PHE C 198 9.37 -0.06 14.94
C PHE C 198 8.13 0.71 14.57
N SER C 199 8.16 2.03 14.69
CA SER C 199 6.99 2.81 14.35
C SER C 199 6.75 2.70 12.85
N MET C 200 5.54 3.05 12.44
CA MET C 200 5.16 3.03 11.03
C MET C 200 6.28 3.60 10.19
N THR C 201 6.94 4.63 10.72
CA THR C 201 8.04 5.25 10.00
C THR C 201 9.18 4.23 9.78
N GLU C 202 9.36 3.33 10.75
CA GLU C 202 10.41 2.31 10.63
C GLU C 202 9.95 1.27 9.65
N VAL C 203 8.67 0.94 9.73
CA VAL C 203 8.09 -0.01 8.80
C VAL C 203 8.42 0.58 7.45
N ASP C 204 8.00 1.84 7.27
CA ASP C 204 8.19 2.57 6.03
C ASP C 204 9.60 2.52 5.53
N LYS C 205 10.55 2.70 6.44
CA LYS C 205 11.96 2.69 6.07
C LYS C 205 12.50 1.33 5.65
N LEU C 206 12.46 0.37 6.55
CA LEU C 206 13.00 -0.97 6.27
C LEU C 206 12.16 -1.89 5.40
N GLY C 207 10.85 -1.90 5.63
CA GLY C 207 9.98 -2.79 4.89
C GLY C 207 9.74 -3.97 5.80
N ILE C 208 8.47 -4.28 6.05
CA ILE C 208 8.10 -5.36 6.95
C ILE C 208 9.10 -6.52 6.97
N GLY C 209 9.62 -6.91 5.81
CA GLY C 209 10.58 -8.00 5.76
C GLY C 209 11.77 -7.83 6.72
N LYS C 210 12.50 -6.74 6.53
CA LYS C 210 13.66 -6.39 7.35
C LYS C 210 13.21 -6.12 8.79
N VAL C 211 12.05 -5.51 8.94
CA VAL C 211 11.51 -5.22 10.25
C VAL C 211 11.42 -6.50 11.08
N MET C 212 10.94 -7.58 10.46
CA MET C 212 10.80 -8.86 11.14
C MET C 212 12.15 -9.52 11.31
N GLU C 213 12.91 -9.52 10.22
CA GLU C 213 14.25 -10.07 10.18
C GLU C 213 15.04 -9.53 11.39
N GLU C 214 15.02 -8.21 11.57
CA GLU C 214 15.71 -7.59 12.68
C GLU C 214 15.13 -8.08 14.00
N THR C 215 13.95 -7.58 14.34
CA THR C 215 13.27 -7.95 15.59
C THR C 215 13.60 -9.34 16.08
N PHE C 216 13.76 -10.28 15.14
CA PHE C 216 14.08 -11.65 15.53
C PHE C 216 15.48 -11.73 16.12
N SER C 217 16.50 -11.48 15.31
CA SER C 217 17.86 -11.51 15.84
C SER C 217 17.88 -10.81 17.20
N TYR C 218 17.44 -9.57 17.24
CA TYR C 218 17.41 -8.78 18.47
C TYR C 218 16.84 -9.54 19.69
N LEU C 219 15.92 -10.47 19.44
CA LEU C 219 15.29 -11.24 20.52
C LEU C 219 15.77 -12.70 20.63
N LEU C 220 15.94 -13.36 19.48
CA LEU C 220 16.36 -14.75 19.46
C LEU C 220 17.80 -14.90 18.96
N GLY C 221 18.56 -13.82 19.02
CA GLY C 221 19.95 -13.85 18.56
C GLY C 221 20.80 -14.79 19.38
N ARG C 222 20.77 -14.61 20.70
CA ARG C 222 21.52 -15.45 21.62
C ARG C 222 20.76 -16.73 21.96
N LYS C 223 19.89 -16.64 22.95
CA LYS C 223 19.11 -17.80 23.37
C LYS C 223 17.71 -17.81 22.73
N LYS C 224 17.45 -18.80 21.90
CA LYS C 224 16.15 -18.95 21.25
C LYS C 224 15.14 -19.23 22.37
N ARG C 225 14.14 -18.37 22.52
CA ARG C 225 13.12 -18.57 23.55
C ARG C 225 11.72 -18.66 22.95
N PRO C 226 10.69 -18.78 23.80
CA PRO C 226 9.33 -18.86 23.25
C PRO C 226 8.84 -17.45 22.95
N ILE C 227 7.93 -17.35 21.98
CA ILE C 227 7.35 -16.07 21.57
C ILE C 227 5.93 -15.87 22.06
N HIS C 228 5.60 -14.63 22.38
CA HIS C 228 4.27 -14.29 22.78
C HIS C 228 3.86 -13.13 21.90
N LEU C 229 3.11 -13.44 20.83
CA LEU C 229 2.65 -12.41 19.92
C LEU C 229 1.32 -11.84 20.40
N SER C 230 1.35 -10.65 20.95
CA SER C 230 0.13 -10.01 21.42
C SER C 230 -0.28 -9.14 20.23
N PHE C 231 -1.24 -9.62 19.45
CA PHE C 231 -1.67 -8.87 18.28
C PHE C 231 -2.93 -8.06 18.53
N ASP C 232 -2.83 -6.77 18.23
CA ASP C 232 -3.94 -5.86 18.43
C ASP C 232 -4.56 -5.47 17.11
N VAL C 233 -5.60 -6.19 16.74
CA VAL C 233 -6.34 -5.95 15.50
C VAL C 233 -6.33 -4.50 15.02
N ASP C 234 -6.14 -3.55 15.93
CA ASP C 234 -6.09 -2.13 15.51
C ASP C 234 -4.76 -1.69 14.87
N GLY C 235 -3.70 -2.46 15.04
CA GLY C 235 -2.41 -2.09 14.45
C GLY C 235 -2.35 -2.17 12.93
N LEU C 236 -3.45 -2.59 12.32
CA LEU C 236 -3.53 -2.66 10.88
C LEU C 236 -4.17 -1.34 10.51
N ASP C 237 -4.22 -0.99 9.24
CA ASP C 237 -4.86 0.26 8.89
C ASP C 237 -6.39 0.17 9.06
N PRO C 238 -7.05 1.29 9.40
CA PRO C 238 -8.51 1.23 9.57
C PRO C 238 -9.31 0.68 8.38
N VAL C 239 -8.75 0.76 7.18
CA VAL C 239 -9.44 0.24 5.99
C VAL C 239 -9.57 -1.28 6.05
N PHE C 240 -8.64 -1.91 6.78
CA PHE C 240 -8.59 -3.36 6.90
C PHE C 240 -9.33 -3.91 8.10
N THR C 241 -9.16 -3.28 9.26
CA THR C 241 -9.79 -3.74 10.49
C THR C 241 -10.58 -2.62 11.11
N PRO C 242 -11.57 -2.10 10.38
CA PRO C 242 -12.41 -0.99 10.88
C PRO C 242 -13.14 -1.15 12.22
N ALA C 243 -13.66 -2.35 12.51
CA ALA C 243 -14.39 -2.58 13.76
C ALA C 243 -13.50 -2.62 14.99
N THR C 244 -13.06 -1.44 15.45
CA THR C 244 -12.19 -1.32 16.63
C THR C 244 -12.57 -0.15 17.54
N GLY C 245 -11.85 -0.03 18.66
CA GLY C 245 -12.07 1.06 19.59
C GLY C 245 -11.39 2.27 19.01
N THR C 246 -10.06 2.28 18.99
CA THR C 246 -9.33 3.41 18.44
C THR C 246 -8.75 3.17 17.05
N PRO C 247 -9.27 3.84 16.00
CA PRO C 247 -8.62 3.55 14.73
C PRO C 247 -7.53 4.65 14.59
N VAL C 248 -6.47 4.37 13.83
CA VAL C 248 -5.39 5.35 13.62
C VAL C 248 -4.89 5.18 12.17
N VAL C 249 -5.20 6.12 11.29
CA VAL C 249 -4.80 5.99 9.90
C VAL C 249 -3.32 5.77 9.69
N GLY C 250 -2.95 5.23 8.53
CA GLY C 250 -1.55 5.00 8.24
C GLY C 250 -0.86 3.91 9.04
N GLY C 251 -1.52 2.75 9.10
CA GLY C 251 -0.99 1.60 9.81
C GLY C 251 -0.71 0.41 8.91
N LEU C 252 -0.31 -0.68 9.54
CA LEU C 252 0.02 -1.93 8.88
C LEU C 252 -1.02 -2.40 7.87
N SER C 253 -0.55 -2.92 6.74
CA SER C 253 -1.47 -3.40 5.73
C SER C 253 -1.83 -4.85 6.03
N TYR C 254 -2.93 -5.33 5.46
CA TYR C 254 -3.35 -6.71 5.64
C TYR C 254 -2.09 -7.49 5.32
N ARG C 255 -1.57 -7.28 4.10
CA ARG C 255 -0.34 -7.94 3.64
C ARG C 255 0.79 -7.89 4.69
N GLU C 256 1.18 -6.69 5.08
CA GLU C 256 2.23 -6.55 6.09
C GLU C 256 1.89 -7.31 7.37
N GLY C 257 0.62 -7.30 7.75
CA GLY C 257 0.20 -7.99 8.96
C GLY C 257 0.24 -9.49 8.79
N LEU C 258 -0.10 -9.94 7.60
CA LEU C 258 -0.06 -11.35 7.32
C LEU C 258 1.40 -11.72 7.16
N TYR C 259 2.23 -10.76 6.78
CA TYR C 259 3.63 -11.12 6.65
C TYR C 259 4.23 -11.39 8.01
N ILE C 260 3.85 -10.58 8.99
CA ILE C 260 4.34 -10.75 10.35
C ILE C 260 3.99 -12.14 10.88
N THR C 261 2.72 -12.41 11.13
CA THR C 261 2.30 -13.72 11.62
C THR C 261 2.96 -14.85 10.83
N GLU C 262 3.21 -14.60 9.53
CA GLU C 262 3.86 -15.59 8.66
C GLU C 262 5.32 -15.87 9.05
N GLU C 263 6.10 -14.81 9.26
CA GLU C 263 7.49 -14.99 9.67
C GLU C 263 7.56 -15.50 11.11
N ILE C 264 6.50 -15.21 11.88
CA ILE C 264 6.40 -15.66 13.26
C ILE C 264 6.30 -17.18 13.23
N TYR C 265 5.34 -17.65 12.46
CA TYR C 265 5.10 -19.08 12.31
C TYR C 265 6.34 -19.81 11.83
N LYS C 266 6.96 -19.30 10.76
CA LYS C 266 8.16 -19.91 10.18
C LYS C 266 9.33 -20.06 11.15
N THR C 267 9.15 -19.69 12.40
CA THR C 267 10.23 -19.81 13.39
C THR C 267 9.88 -20.85 14.46
N GLY C 268 8.68 -21.43 14.32
CA GLY C 268 8.22 -22.44 15.25
C GLY C 268 8.30 -22.07 16.71
N LEU C 269 8.60 -20.82 17.03
CA LEU C 269 8.71 -20.42 18.42
C LEU C 269 7.48 -19.76 19.02
N LEU C 270 6.32 -19.96 18.40
CA LEU C 270 5.09 -19.35 18.91
C LEU C 270 4.59 -20.11 20.13
N SER C 271 4.32 -19.37 21.20
CA SER C 271 3.85 -20.01 22.41
C SER C 271 2.50 -19.42 22.85
N GLY C 272 2.40 -18.10 22.82
CA GLY C 272 1.17 -17.44 23.22
C GLY C 272 0.75 -16.41 22.19
N LEU C 273 -0.53 -16.39 21.86
CA LEU C 273 -1.07 -15.47 20.86
C LEU C 273 -2.24 -14.64 21.38
N ASP C 274 -2.23 -13.35 21.07
CA ASP C 274 -3.32 -12.47 21.48
C ASP C 274 -3.97 -11.75 20.30
N ILE C 275 -5.28 -11.94 20.17
CA ILE C 275 -6.06 -11.29 19.12
C ILE C 275 -7.07 -10.43 19.87
N MET C 276 -6.63 -9.21 20.17
CA MET C 276 -7.40 -8.24 20.94
C MET C 276 -7.96 -7.09 20.12
N GLU C 277 -8.77 -6.27 20.80
CA GLU C 277 -9.42 -5.04 20.30
C GLU C 277 -10.47 -5.12 19.20
N VAL C 278 -11.08 -6.28 19.01
CA VAL C 278 -12.09 -6.39 17.98
C VAL C 278 -13.43 -6.05 18.56
N ASN C 279 -14.09 -5.02 18.03
CA ASN C 279 -15.40 -4.59 18.53
C ASN C 279 -16.53 -4.80 17.54
N PRO C 280 -17.04 -6.03 17.41
CA PRO C 280 -18.14 -6.46 16.51
C PRO C 280 -19.34 -5.53 16.41
N THR C 281 -19.27 -4.42 17.15
CA THR C 281 -20.34 -3.44 17.19
C THR C 281 -19.88 -2.13 16.58
N LEU C 282 -18.59 -1.85 16.69
CA LEU C 282 -18.05 -0.62 16.14
C LEU C 282 -17.83 -0.74 14.63
N GLY C 283 -18.91 -1.01 13.91
CA GLY C 283 -18.81 -1.11 12.47
C GLY C 283 -19.70 -0.08 11.78
N LYS C 284 -19.09 0.76 10.94
CA LYS C 284 -19.81 1.80 10.20
C LYS C 284 -20.89 1.10 9.37
N THR C 285 -20.53 -0.08 8.87
CA THR C 285 -21.41 -0.93 8.08
C THR C 285 -21.06 -2.38 8.39
N PRO C 286 -22.06 -3.27 8.29
CA PRO C 286 -21.91 -4.70 8.55
C PRO C 286 -20.67 -5.31 7.90
N GLU C 287 -20.36 -4.90 6.67
CA GLU C 287 -19.18 -5.41 5.97
C GLU C 287 -17.92 -5.12 6.80
N GLU C 288 -17.70 -3.85 7.12
CA GLU C 288 -16.55 -3.41 7.90
C GLU C 288 -16.27 -4.37 9.04
N VAL C 289 -17.33 -4.78 9.75
CA VAL C 289 -17.18 -5.74 10.85
C VAL C 289 -16.65 -7.00 10.19
N THR C 290 -17.51 -7.67 9.43
CA THR C 290 -17.14 -8.91 8.73
C THR C 290 -15.67 -8.84 8.26
N ARG C 291 -15.32 -7.74 7.62
CA ARG C 291 -13.96 -7.51 7.13
C ARG C 291 -13.04 -7.75 8.32
N THR C 292 -13.18 -6.87 9.29
CA THR C 292 -12.40 -6.89 10.51
C THR C 292 -12.32 -8.30 11.11
N VAL C 293 -13.44 -9.00 11.08
CA VAL C 293 -13.51 -10.35 11.62
C VAL C 293 -12.68 -11.38 10.88
N ASN C 294 -12.85 -11.49 9.58
CA ASN C 294 -12.08 -12.48 8.82
C ASN C 294 -10.59 -12.19 8.83
N THR C 295 -10.20 -10.96 8.52
CA THR C 295 -8.80 -10.56 8.53
C THR C 295 -8.16 -10.96 9.87
N ALA C 296 -8.92 -10.78 10.94
CA ALA C 296 -8.44 -11.15 12.24
C ALA C 296 -8.26 -12.68 12.22
N VAL C 297 -9.36 -13.38 11.93
CA VAL C 297 -9.37 -14.83 11.82
C VAL C 297 -8.20 -15.29 10.97
N ALA C 298 -8.06 -14.66 9.81
CA ALA C 298 -7.00 -15.00 8.88
C ALA C 298 -5.65 -14.85 9.57
N LEU C 299 -5.48 -13.76 10.31
CA LEU C 299 -4.21 -13.55 10.99
C LEU C 299 -3.88 -14.68 11.97
N THR C 300 -4.89 -15.36 12.50
CA THR C 300 -4.64 -16.43 13.44
C THR C 300 -4.09 -17.63 12.71
N LEU C 301 -4.91 -18.18 11.82
CA LEU C 301 -4.53 -19.32 10.99
C LEU C 301 -3.19 -19.09 10.31
N SER C 302 -2.71 -17.86 10.36
CA SER C 302 -1.43 -17.52 9.75
C SER C 302 -0.34 -18.01 10.70
N CYS C 303 -0.47 -17.59 11.96
CA CYS C 303 0.45 -17.97 13.02
C CYS C 303 0.51 -19.48 13.20
N PHE C 304 -0.44 -20.18 12.59
CA PHE C 304 -0.50 -21.62 12.72
C PHE C 304 -0.33 -22.44 11.46
N GLY C 305 0.50 -21.96 10.54
CA GLY C 305 0.73 -22.74 9.34
C GLY C 305 0.43 -22.11 8.00
N THR C 306 -0.86 -21.89 7.73
CA THR C 306 -1.29 -21.31 6.47
C THR C 306 -0.28 -20.27 5.96
N LYS C 307 0.13 -20.47 4.71
CA LYS C 307 1.11 -19.63 4.04
C LYS C 307 0.38 -19.05 2.84
N ARG C 308 0.84 -17.92 2.31
CA ARG C 308 0.16 -17.34 1.16
C ARG C 308 0.61 -17.98 -0.14
N GLU C 309 1.38 -19.05 -0.02
CA GLU C 309 1.85 -19.76 -1.19
C GLU C 309 1.16 -21.11 -1.28
N GLY C 310 0.47 -21.48 -0.21
CA GLY C 310 -0.23 -22.75 -0.19
C GLY C 310 0.17 -23.68 0.95
N ASN C 311 -0.55 -24.79 1.06
CA ASN C 311 -0.31 -25.81 2.07
C ASN C 311 -0.87 -27.14 1.51
N HIS C 312 -0.14 -28.23 1.73
CA HIS C 312 -0.59 -29.56 1.26
C HIS C 312 -0.13 -30.63 2.24
N LYS C 313 -1.07 -31.48 2.69
CA LYS C 313 -0.75 -32.54 3.63
C LYS C 313 0.42 -33.35 3.09
N PRO C 314 1.51 -33.45 3.88
CA PRO C 314 2.70 -34.20 3.46
C PRO C 314 2.46 -35.70 3.33
N GLU C 315 3.42 -36.36 2.67
CA GLU C 315 3.38 -37.80 2.46
C GLU C 315 2.21 -38.28 1.60
N THR C 316 1.47 -37.34 1.04
CA THR C 316 0.34 -37.69 0.18
C THR C 316 0.73 -37.28 -1.23
N ASP C 317 0.55 -38.20 -2.18
CA ASP C 317 0.85 -37.95 -3.59
C ASP C 317 -0.45 -37.45 -4.23
N TYR C 318 -0.50 -36.13 -4.45
CA TYR C 318 -1.66 -35.47 -5.06
C TYR C 318 -1.66 -35.71 -6.56
N LEU C 319 -0.76 -36.59 -7.01
CA LEU C 319 -0.64 -36.95 -8.43
C LEU C 319 -1.28 -38.33 -8.70
MN MN D . -6.43 -17.46 -13.90
MN MN E . -7.14 -15.59 -10.57
N HAR F . -7.46 -22.95 -9.38
CA HAR F . -8.73 -22.78 -8.56
C HAR F . -9.99 -23.58 -9.19
O HAR F . -11.16 -23.46 -8.60
CB HAR F . -9.08 -21.28 -8.43
CG HAR F . -9.72 -20.77 -9.68
CD HAR F . -9.12 -19.50 -10.13
NE HAR F . -9.74 -19.08 -11.38
CZ HAR F . -9.42 -18.01 -12.08
NH1 HAR F . -8.46 -17.17 -11.66
NH2 HAR F . -10.06 -17.76 -13.21
OH1 HAR F . -8.18 -16.12 -12.45
OXT HAR F . -9.80 -24.28 -10.29
MN MN G . 2.01 21.35 -9.06
MN MN H . 0.13 17.95 -9.28
N HAR I . 2.05 20.20 -16.14
CA HAR I . 0.67 19.82 -16.67
C HAR I . -0.12 21.11 -17.28
O HAR I . -1.34 20.91 -17.72
CB HAR I . -0.18 19.18 -15.53
CG HAR I . -0.71 20.23 -14.62
CD HAR I . -0.48 19.87 -13.20
NE HAR I . -0.98 20.96 -12.35
CZ HAR I . -0.91 20.98 -11.04
NH1 HAR I . -0.37 19.97 -10.34
NH2 HAR I . -1.38 22.05 -10.39
OH1 HAR I . -0.31 20.10 -9.00
OXT HAR I . 0.48 22.28 -17.29
MN MN J . -3.59 -2.22 22.86
MN MN K . -4.25 -0.03 19.73
N HAR L . -2.24 4.34 25.45
CA HAR L . -3.35 5.33 25.11
C HAR L . -4.42 5.50 26.31
O HAR L . -5.45 6.29 26.11
CB HAR L . -4.10 4.87 23.82
CG HAR L . -5.05 3.76 24.12
CD HAR L . -4.92 2.64 23.17
NE HAR L . -5.82 1.58 23.55
CZ HAR L . -5.96 0.41 22.92
NH1 HAR L . -5.22 0.12 21.85
NH2 HAR L . -6.82 -0.48 23.40
OH1 HAR L . -5.38 -1.10 21.30
OXT HAR L . -4.22 4.82 27.42
#